data_8JGF
#
_entry.id   8JGF
#
_cell.length_a   1.00
_cell.length_b   1.00
_cell.length_c   1.00
_cell.angle_alpha   90.00
_cell.angle_beta   90.00
_cell.angle_gamma   90.00
#
_symmetry.space_group_name_H-M   'P 1'
#
loop_
_entity.id
_entity.type
_entity.pdbx_description
1 polymer 'Guanine nucleotide-binding protein Gq'
2 polymer 'Guanine nucleotide-binding protein G(I)/G(S)/G(T) subunit beta-1'
3 polymer 'Single-Chain Fragment Variable 16'
4 polymer 'Guanine nucleotide-binding protein G(I)/G(S)/G(O) subunit gamma-2'
5 polymer BAM8-22
6 polymer 'Mas-related G-protein coupled receptor member X1'
#
loop_
_entity_poly.entity_id
_entity_poly.type
_entity_poly.pdbx_seq_one_letter_code
_entity_poly.pdbx_strand_id
1 'polypeptide(L)'
;MGCTLSAEDKAAVERSKMIEKQLQKDKQVYRRTLRLLLLGADNSGKSTIVKQMRIYHVNGYSEEECKQYKAVVYSNTIQS
IIAIIRAMGRLKIDFGDSARADDARQLFVLAGAAEEGFMTAELAGVIKRLWKDSGVQACFNRSREYQLNDSAAYYLNDLD
RIAQPNYIPTQQDVLRTRVKTSGIFETKFQVDKVNFHMFDVGAQRDERRKWIQCFNDVTAIIFVVDSSDYNRLQEALNDF
KSIWNNRWLRTISVILFLNKQDLLAEKVLAGKSKIEDYFPEFARYTTPEDATPEPGEDPRVTRAKYFIRKEFVDISTASG
DGRHICYPHFTCSVDTENARRIFNDCKDIILQMNLREYNLV
;
A
2 'polypeptide(L)'
;LEVLFQGPCGSSGSELDQLRQEAEQLKNQIRDARKACADATLSQITNNIDPVGRIQMRTRRTLRGHLAKIYAMHWGTDSR
LLVSASQDGKLIIWDSYTTNKVHAIPLRSSWVMTCAYAPSGNYVACGGLDNICSIYNLKTREGNVRVSRELAGHTGYLSC
CRFLDDNQIVTSSGDTTCALWDIETGQQTTTFTGHTGDVMSLSLAPDTRLFVSGACDASAKLWDVREGMCRQTFTGHESD
INAICFFPNGNAFATGSDDATCRLFDLRADQELMTYSHDNIICGITSVSFSKSGRLLLAGYDDFNCNVWDALKADRAGVL
AGHDNRVSCLGVTDDGMAVATGSWDSFLKIWN
;
B
3 'polypeptide(L)'
;MLLVNQSHQGFNKEHTSKMVSAIVLYVLLAAAAHSAFAVQLVESGGGLVQPGGSRKLSCSASGFAFSSFGMHWVRQAPEK
GLEWVAYISSGSGTIYYADTVKGRFTISRDDPKNTLFLQMTSLRSEDTAMYYCVRSIYYYGSSPFDFWGQGTTLTVSAGG
GGSGGGGSGGGGSADIVMTQATSSVPVTPGESVSISCRSSKSLLHSNGNTYLYWFLQRPGQSPQLLIYRMSNLASGVPDR
FSGSGSGTAFTLTISRLEAEDVGVYYCMQHLEYPLTFGAGTKLEL
;
E
4 'polypeptide(L)' NTASIAQARKLVEQLKMEANIDRIKVSKAAADLMAYCEAHAKEDPLLTPVPASENPFR G
5 'polypeptide(L)' VGRPEWWMDYQKRYG L
6 'polypeptide(L)'
;MDPTISTLDTELTPINGTEETLCYKQTLSLTVLTCIVSLVGLTGNAVVLWLLGCRMRRNAFSIYILNLAAADFLFLSGRL
IYSLLSFISIPHTISKILYPVMMFSYFAGLSFLSAVSTERCLSVLWPIWYRCHRPTHLSAVVCVLLWALSLLRSILEWML
CGFLFSGADSAWCQTSDFITVAWLIFLCVVLCGSSLVLLIRILCGSRKIPLTRLYVTILLTVLVFLLCGLPFGIQFFLFL
WIHVDREVLFCHVHLVSIFLSALNSSANPIIYFFVGSFRQRQNRQNLKLVLQRALQDASEVDEGGGQLPEEILELSGSR
;
R
#
# COMPACT_ATOMS: atom_id res chain seq x y z
N THR A 4 -18.07 2.44 21.59
CA THR A 4 -17.42 3.51 22.31
C THR A 4 -17.00 4.65 21.44
N LEU A 5 -17.68 4.86 20.33
CA LEU A 5 -17.28 5.88 19.42
C LEU A 5 -18.37 6.92 19.32
N SER A 6 -17.99 8.18 19.21
CA SER A 6 -18.95 9.24 19.11
C SER A 6 -19.65 9.17 17.82
N ALA A 7 -20.57 10.08 17.62
CA ALA A 7 -21.35 10.01 16.44
C ALA A 7 -20.47 10.41 15.35
N GLU A 8 -19.48 11.22 15.65
CA GLU A 8 -18.67 11.76 14.60
C GLU A 8 -17.48 10.91 14.38
N ASP A 9 -17.43 9.77 15.00
CA ASP A 9 -16.36 8.90 14.76
C ASP A 9 -16.97 7.83 13.97
N LYS A 10 -18.09 7.35 14.40
CA LYS A 10 -18.79 6.36 13.58
C LYS A 10 -18.89 6.82 12.13
N ALA A 11 -19.19 8.10 11.92
CA ALA A 11 -19.28 8.62 10.56
C ALA A 11 -17.93 8.65 9.87
N ALA A 12 -16.86 8.93 10.62
CA ALA A 12 -15.52 8.85 10.05
C ALA A 12 -15.17 7.42 9.67
N VAL A 13 -15.57 6.45 10.51
CA VAL A 13 -15.34 5.05 10.18
C VAL A 13 -16.13 4.66 8.94
N GLU A 14 -17.35 5.19 8.80
CA GLU A 14 -18.12 4.92 7.59
C GLU A 14 -17.47 5.53 6.36
N ARG A 15 -16.92 6.74 6.49
CA ARG A 15 -16.18 7.33 5.38
C ARG A 15 -14.98 6.47 5.01
N SER A 16 -14.27 5.96 6.01
CA SER A 16 -13.14 5.08 5.72
C SER A 16 -13.61 3.80 5.04
N LYS A 17 -14.78 3.28 5.44
CA LYS A 17 -15.33 2.09 4.78
C LYS A 17 -15.69 2.39 3.32
N MET A 18 -16.25 3.56 3.05
CA MET A 18 -16.54 3.93 1.67
C MET A 18 -15.25 4.06 0.86
N ILE A 19 -14.22 4.64 1.44
CA ILE A 19 -12.93 4.72 0.77
C ILE A 19 -12.41 3.32 0.50
N GLU A 20 -12.60 2.41 1.45
CA GLU A 20 -12.16 1.03 1.27
C GLU A 20 -12.91 0.36 0.12
N LYS A 21 -14.21 0.61 0.01
CA LYS A 21 -14.97 0.06 -1.11
C LYS A 21 -14.46 0.60 -2.44
N GLN A 22 -14.21 1.91 -2.51
CA GLN A 22 -13.63 2.48 -3.72
C GLN A 22 -12.26 1.88 -3.99
N LEU A 23 -11.49 1.58 -2.95
CA LEU A 23 -10.17 0.99 -3.12
C LEU A 23 -10.27 -0.43 -3.66
N GLN A 24 -11.27 -1.20 -3.24
CA GLN A 24 -11.48 -2.52 -3.83
C GLN A 24 -11.87 -2.40 -5.30
N LYS A 25 -12.73 -1.44 -5.62
CA LYS A 25 -13.07 -1.20 -7.02
C LYS A 25 -11.81 -0.89 -7.83
N ASP A 26 -10.93 -0.06 -7.27
CA ASP A 26 -9.68 0.26 -7.95
C ASP A 26 -8.75 -0.94 -8.03
N LYS A 27 -8.76 -1.80 -7.01
CA LYS A 27 -7.92 -2.98 -7.02
C LYS A 27 -8.31 -3.91 -8.13
N GLN A 28 -9.61 -4.04 -8.40
CA GLN A 28 -10.05 -4.85 -9.53
C GLN A 28 -9.38 -4.37 -10.82
N VAL A 29 -9.41 -3.07 -11.08
CA VAL A 29 -8.82 -2.53 -12.29
C VAL A 29 -7.31 -2.70 -12.27
N TYR A 30 -6.67 -2.41 -11.14
CA TYR A 30 -5.22 -2.52 -11.05
C TYR A 30 -4.76 -3.93 -11.34
N ARG A 31 -5.52 -4.94 -10.88
CA ARG A 31 -5.18 -6.32 -11.16
C ARG A 31 -5.46 -6.68 -12.61
N ARG A 32 -6.60 -6.26 -13.15
CA ARG A 32 -6.95 -6.60 -14.52
C ARG A 32 -6.02 -5.99 -15.56
N THR A 33 -5.29 -4.94 -15.20
CA THR A 33 -4.47 -4.20 -16.15
C THR A 33 -3.03 -4.68 -16.06
N LEU A 34 -2.47 -5.05 -17.21
CA LEU A 34 -1.08 -5.47 -17.28
C LEU A 34 -0.20 -4.28 -17.63
N ARG A 35 0.85 -4.07 -16.84
CA ARG A 35 1.72 -2.91 -16.95
C ARG A 35 3.02 -3.32 -17.63
N LEU A 36 3.38 -2.61 -18.69
CA LEU A 36 4.57 -2.89 -19.47
C LEU A 36 5.50 -1.70 -19.40
N LEU A 37 6.80 -1.96 -19.27
CA LEU A 37 7.81 -0.91 -19.31
C LEU A 37 8.51 -0.98 -20.66
N LEU A 38 8.34 0.05 -21.49
CA LEU A 38 8.94 0.11 -22.82
C LEU A 38 10.31 0.78 -22.72
N LEU A 39 11.35 -0.04 -22.87
CA LEU A 39 12.72 0.46 -22.91
C LEU A 39 13.28 0.31 -24.32
N GLY A 40 14.28 1.12 -24.62
CA GLY A 40 14.92 1.10 -25.92
C GLY A 40 15.69 2.36 -26.21
N ALA A 41 16.68 2.26 -27.10
CA ALA A 41 17.49 3.42 -27.46
C ALA A 41 16.72 4.34 -28.40
N ASP A 42 17.29 5.51 -28.65
CA ASP A 42 16.64 6.50 -29.51
C ASP A 42 16.43 5.95 -30.91
N ASN A 43 17.35 5.12 -31.39
CA ASN A 43 17.25 4.53 -32.71
C ASN A 43 16.45 3.23 -32.74
N SER A 44 16.03 2.74 -31.58
CA SER A 44 15.37 1.43 -31.51
C SER A 44 14.12 1.40 -32.38
N GLY A 45 13.36 2.48 -32.38
CA GLY A 45 12.10 2.56 -33.11
C GLY A 45 10.88 2.31 -32.27
N LYS A 46 10.99 2.26 -30.95
CA LYS A 46 10.01 2.07 -29.88
C LYS A 46 8.86 3.07 -30.02
N SER A 47 9.16 4.29 -30.45
CA SER A 47 8.13 5.29 -30.66
C SER A 47 7.13 4.83 -31.72
N THR A 48 7.62 4.31 -32.85
CA THR A 48 6.72 3.79 -33.87
C THR A 48 5.93 2.60 -33.33
N ILE A 49 6.57 1.76 -32.52
CA ILE A 49 5.88 0.61 -31.94
C ILE A 49 4.70 1.08 -31.10
N VAL A 50 4.92 2.07 -30.24
CA VAL A 50 3.84 2.54 -29.37
C VAL A 50 2.78 3.22 -30.21
N LYS A 51 3.18 3.97 -31.24
CA LYS A 51 2.20 4.66 -32.08
C LYS A 51 1.29 3.65 -32.78
N GLN A 52 1.87 2.58 -33.30
CA GLN A 52 1.05 1.53 -33.93
C GLN A 52 0.18 0.82 -32.90
N MET A 53 0.72 0.59 -31.70
CA MET A 53 -0.05 -0.11 -30.67
C MET A 53 -1.32 0.64 -30.32
N ARG A 54 -1.25 1.96 -30.26
CA ARG A 54 -2.41 2.78 -29.97
C ARG A 54 -3.57 2.42 -30.91
N THR A 181 8.30 18.68 -16.83
CA THR A 181 8.24 18.09 -18.16
C THR A 181 7.61 16.71 -18.10
N SER A 182 7.20 16.20 -19.27
CA SER A 182 6.55 14.89 -19.35
C SER A 182 7.60 13.82 -19.11
N GLY A 183 7.72 13.41 -17.85
CA GLY A 183 8.74 12.45 -17.48
C GLY A 183 8.45 11.03 -17.94
N ILE A 184 7.18 10.68 -18.06
CA ILE A 184 6.78 9.32 -18.41
C ILE A 184 5.53 9.38 -19.27
N PHE A 185 5.57 8.68 -20.40
CA PHE A 185 4.46 8.66 -21.35
C PHE A 185 3.68 7.36 -21.16
N GLU A 186 2.36 7.47 -21.13
CA GLU A 186 1.47 6.34 -20.93
C GLU A 186 0.71 6.04 -22.20
N THR A 187 0.69 4.78 -22.61
CA THR A 187 -0.08 4.32 -23.75
C THR A 187 -1.00 3.20 -23.28
N LYS A 188 -2.23 3.21 -23.78
CA LYS A 188 -3.21 2.18 -23.44
C LYS A 188 -3.57 1.42 -24.69
N PHE A 189 -3.71 0.11 -24.56
CA PHE A 189 -4.26 -0.68 -25.67
C PHE A 189 -4.90 -1.94 -25.12
N GLN A 190 -5.63 -2.64 -25.97
CA GLN A 190 -6.36 -3.84 -25.61
C GLN A 190 -6.01 -4.96 -26.58
N VAL A 191 -5.87 -6.16 -26.03
CA VAL A 191 -5.74 -7.37 -26.84
C VAL A 191 -6.59 -8.46 -26.20
N ASP A 192 -7.56 -8.98 -26.94
CA ASP A 192 -8.42 -10.05 -26.47
C ASP A 192 -9.06 -9.68 -25.13
N LYS A 193 -9.55 -8.45 -25.04
CA LYS A 193 -10.24 -7.93 -23.87
C LYS A 193 -9.32 -7.78 -22.66
N VAL A 194 -8.02 -7.88 -22.85
CA VAL A 194 -7.04 -7.67 -21.79
C VAL A 194 -6.43 -6.30 -21.98
N ASN A 195 -6.32 -5.54 -20.89
CA ASN A 195 -5.90 -4.15 -20.93
C ASN A 195 -4.42 -4.04 -20.64
N PHE A 196 -3.71 -3.29 -21.49
CA PHE A 196 -2.28 -3.09 -21.37
C PHE A 196 -1.97 -1.61 -21.22
N HIS A 197 -1.18 -1.30 -20.19
CA HIS A 197 -0.73 0.07 -19.95
C HIS A 197 0.78 0.08 -20.11
N MET A 198 1.26 0.63 -21.21
CA MET A 198 2.67 0.68 -21.54
C MET A 198 3.22 2.02 -21.11
N PHE A 199 4.43 2.03 -20.58
CA PHE A 199 5.04 3.22 -20.02
C PHE A 199 6.40 3.42 -20.68
N ASP A 200 6.56 4.53 -21.39
CA ASP A 200 7.82 4.89 -22.02
C ASP A 200 8.41 6.04 -21.23
N VAL A 201 9.53 5.78 -20.55
CA VAL A 201 10.17 6.81 -19.70
C VAL A 201 10.99 7.68 -20.64
N GLY A 202 10.35 8.74 -21.14
CA GLY A 202 10.89 9.51 -22.23
C GLY A 202 11.78 10.68 -21.86
N ALA A 203 11.56 11.28 -20.69
CA ALA A 203 12.31 12.46 -20.26
C ALA A 203 12.98 12.18 -18.93
N GLN A 204 14.16 11.56 -19.00
CA GLN A 204 14.96 11.29 -17.81
C GLN A 204 16.43 11.42 -18.20
N ARG A 205 17.28 11.47 -17.19
CA ARG A 205 18.71 11.51 -17.43
C ARG A 205 19.18 10.17 -18.01
N ASP A 206 20.37 10.19 -18.59
CA ASP A 206 20.97 8.99 -19.18
C ASP A 206 21.51 8.09 -18.06
N GLU A 207 20.58 7.67 -17.20
CA GLU A 207 20.87 6.84 -16.04
C GLU A 207 19.56 6.31 -15.48
N ARG A 208 19.50 4.99 -15.27
CA ARG A 208 18.27 4.34 -14.82
C ARG A 208 18.43 3.63 -13.49
N ARG A 209 19.61 3.63 -12.89
CA ARG A 209 19.89 2.85 -11.69
C ARG A 209 18.80 3.03 -10.64
N LYS A 210 18.18 4.21 -10.60
CA LYS A 210 17.24 4.53 -9.55
C LYS A 210 15.79 4.44 -10.00
N TRP A 211 15.40 5.13 -11.07
CA TRP A 211 13.99 5.12 -11.42
C TRP A 211 13.53 3.76 -11.94
N ILE A 212 14.44 2.95 -12.48
CA ILE A 212 14.07 1.62 -12.93
C ILE A 212 13.54 0.78 -11.78
N GLN A 213 13.96 1.08 -10.55
CA GLN A 213 13.47 0.35 -9.40
C GLN A 213 11.97 0.48 -9.24
N CYS A 214 11.36 1.54 -9.81
CA CYS A 214 9.92 1.70 -9.71
C CYS A 214 9.18 0.64 -10.52
N PHE A 215 9.86 0.01 -11.47
CA PHE A 215 9.18 -0.93 -12.37
C PHE A 215 9.38 -2.40 -12.07
N ASN A 216 9.28 -2.80 -10.81
CA ASN A 216 9.35 -4.21 -10.50
C ASN A 216 7.94 -4.78 -10.56
N ASP A 217 7.83 -6.09 -10.79
CA ASP A 217 6.52 -6.74 -10.87
C ASP A 217 5.75 -6.33 -12.12
N VAL A 218 6.25 -5.35 -12.87
CA VAL A 218 5.60 -4.97 -14.10
C VAL A 218 5.49 -6.25 -14.87
N THR A 219 4.40 -6.48 -15.57
CA THR A 219 4.19 -7.71 -16.28
C THR A 219 5.24 -7.98 -17.27
N ALA A 220 5.92 -6.96 -17.76
CA ALA A 220 7.03 -7.26 -18.65
C ALA A 220 7.73 -5.97 -19.04
N ILE A 221 8.99 -6.12 -19.43
CA ILE A 221 9.77 -5.04 -20.02
C ILE A 221 9.86 -5.31 -21.52
N ILE A 222 9.29 -4.44 -22.32
CA ILE A 222 9.41 -4.51 -23.77
C ILE A 222 10.67 -3.76 -24.16
N PHE A 223 11.72 -4.50 -24.49
CA PHE A 223 13.02 -3.93 -24.83
C PHE A 223 13.17 -3.94 -26.34
N VAL A 224 13.26 -2.75 -26.93
CA VAL A 224 13.32 -2.59 -28.38
C VAL A 224 14.76 -2.32 -28.77
N VAL A 225 15.25 -3.04 -29.79
CA VAL A 225 16.60 -2.90 -30.30
C VAL A 225 16.54 -2.73 -31.80
N ASP A 226 17.28 -1.76 -32.32
CA ASP A 226 17.42 -1.57 -33.76
C ASP A 226 18.45 -2.57 -34.28
N SER A 227 17.97 -3.62 -34.95
CA SER A 227 18.86 -4.67 -35.42
C SER A 227 19.74 -4.23 -36.58
N SER A 228 19.26 -3.32 -37.42
CA SER A 228 19.97 -2.92 -38.63
C SER A 228 21.20 -2.09 -38.33
N ASP A 229 21.37 -1.60 -37.12
CA ASP A 229 22.49 -0.72 -36.76
C ASP A 229 23.53 -1.55 -36.00
N TYR A 230 24.48 -2.12 -36.74
CA TYR A 230 25.54 -2.89 -36.10
C TYR A 230 26.50 -2.00 -35.32
N ASN A 231 26.58 -0.72 -35.66
CA ASN A 231 27.48 0.18 -34.94
C ASN A 231 27.10 0.29 -33.47
N ARG A 232 25.80 0.32 -33.19
CA ARG A 232 25.30 0.45 -31.82
C ARG A 232 24.78 -0.86 -31.25
N LEU A 233 24.95 -1.98 -31.96
CA LEU A 233 24.41 -3.25 -31.48
C LEU A 233 25.09 -3.67 -30.18
N GLN A 234 26.40 -3.45 -30.05
CA GLN A 234 27.06 -3.78 -28.80
C GLN A 234 26.53 -2.91 -27.67
N GLU A 235 26.23 -1.64 -27.96
CA GLU A 235 25.63 -0.78 -26.95
C GLU A 235 24.27 -1.29 -26.52
N ALA A 236 23.46 -1.73 -27.49
CA ALA A 236 22.15 -2.30 -27.16
C ALA A 236 22.28 -3.58 -26.36
N LEU A 237 23.27 -4.41 -26.69
CA LEU A 237 23.52 -5.61 -25.91
C LEU A 237 23.95 -5.30 -24.49
N ASN A 238 24.80 -4.29 -24.29
CA ASN A 238 25.17 -3.90 -22.95
C ASN A 238 23.97 -3.36 -22.18
N ASP A 239 23.11 -2.58 -22.85
CA ASP A 239 21.90 -2.08 -22.20
C ASP A 239 20.98 -3.24 -21.80
N PHE A 240 20.80 -4.21 -22.69
CA PHE A 240 19.96 -5.36 -22.36
C PHE A 240 20.58 -6.18 -21.24
N LYS A 241 21.87 -6.12 -21.13
CA LYS A 241 22.48 -6.88 -20.09
C LYS A 241 22.12 -6.20 -18.87
N SER A 242 22.42 -4.94 -18.80
CA SER A 242 22.19 -4.19 -17.56
C SER A 242 20.75 -4.35 -17.09
N ILE A 243 19.79 -4.27 -18.00
CA ILE A 243 18.39 -4.44 -17.63
C ILE A 243 18.14 -5.85 -17.12
N TRP A 244 18.67 -6.84 -17.83
CA TRP A 244 18.42 -8.23 -17.48
C TRP A 244 19.07 -8.60 -16.15
N ASN A 245 20.24 -8.06 -15.87
CA ASN A 245 20.96 -8.35 -14.64
C ASN A 245 20.64 -7.38 -13.51
N ASN A 246 19.71 -6.45 -13.72
CA ASN A 246 19.32 -5.54 -12.65
C ASN A 246 18.75 -6.32 -11.49
N ARG A 247 19.18 -5.99 -10.27
CA ARG A 247 18.77 -6.77 -9.11
C ARG A 247 17.30 -6.60 -8.80
N TRP A 248 16.71 -5.48 -9.20
CA TRP A 248 15.29 -5.23 -8.98
C TRP A 248 14.40 -5.75 -10.10
N LEU A 249 15.00 -6.19 -11.20
CA LEU A 249 14.24 -6.75 -12.32
C LEU A 249 14.42 -8.26 -12.43
N ARG A 250 14.78 -8.92 -11.33
CA ARG A 250 15.10 -10.34 -11.36
C ARG A 250 13.92 -11.20 -11.80
N THR A 251 12.70 -10.85 -11.40
CA THR A 251 11.53 -11.64 -11.72
C THR A 251 10.75 -11.10 -12.90
N ILE A 252 11.28 -10.10 -13.60
CA ILE A 252 10.58 -9.44 -14.69
C ILE A 252 11.08 -10.01 -16.01
N SER A 253 10.16 -10.50 -16.82
CA SER A 253 10.51 -11.03 -18.14
C SER A 253 10.60 -9.90 -19.14
N VAL A 254 11.47 -10.09 -20.15
CA VAL A 254 11.73 -9.10 -21.17
C VAL A 254 11.21 -9.63 -22.50
N ILE A 255 10.27 -8.91 -23.09
CA ILE A 255 9.85 -9.13 -24.47
C ILE A 255 10.80 -8.32 -25.34
N LEU A 256 11.68 -9.02 -26.05
CA LEU A 256 12.73 -8.37 -26.82
C LEU A 256 12.24 -8.21 -28.26
N PHE A 257 11.99 -6.96 -28.64
CA PHE A 257 11.60 -6.63 -30.01
C PHE A 257 12.85 -6.25 -30.79
N LEU A 258 13.27 -7.14 -31.69
CA LEU A 258 14.37 -6.85 -32.62
C LEU A 258 13.76 -6.09 -33.79
N ASN A 259 13.56 -4.80 -33.59
CA ASN A 259 12.82 -3.96 -34.51
C ASN A 259 13.63 -3.69 -35.77
N LYS A 260 12.96 -3.12 -36.77
CA LYS A 260 13.59 -2.71 -38.02
C LYS A 260 14.25 -3.90 -38.71
N GLN A 261 13.48 -4.99 -38.85
CA GLN A 261 13.97 -6.16 -39.56
C GLN A 261 14.06 -5.91 -41.05
N ASP A 262 13.20 -5.07 -41.61
CA ASP A 262 13.31 -4.73 -43.01
C ASP A 262 14.64 -4.06 -43.31
N LEU A 263 15.04 -3.12 -42.44
CA LEU A 263 16.33 -2.46 -42.62
C LEU A 263 17.47 -3.44 -42.47
N LEU A 264 17.37 -4.36 -41.51
CA LEU A 264 18.41 -5.37 -41.34
C LEU A 264 18.55 -6.23 -42.59
N ALA A 265 17.42 -6.68 -43.14
CA ALA A 265 17.46 -7.50 -44.34
C ALA A 265 18.04 -6.72 -45.51
N GLU A 266 17.64 -5.46 -45.67
CA GLU A 266 18.18 -4.65 -46.75
C GLU A 266 19.68 -4.47 -46.61
N LYS A 267 20.15 -4.20 -45.40
CA LYS A 267 21.57 -4.00 -45.17
C LYS A 267 22.35 -5.29 -45.43
N VAL A 268 21.81 -6.42 -44.99
CA VAL A 268 22.50 -7.70 -45.19
C VAL A 268 22.56 -8.06 -46.67
N LEU A 269 21.47 -7.85 -47.39
CA LEU A 269 21.44 -8.19 -48.81
C LEU A 269 22.28 -7.24 -49.65
N ALA A 270 22.33 -5.96 -49.28
CA ALA A 270 23.16 -5.01 -50.02
C ALA A 270 24.64 -5.40 -49.94
N GLY A 271 25.08 -5.85 -48.77
CA GLY A 271 26.44 -6.31 -48.59
C GLY A 271 27.45 -5.22 -48.30
N LYS A 272 27.04 -3.95 -48.30
CA LYS A 272 27.98 -2.87 -48.05
C LYS A 272 28.62 -2.99 -46.67
N SER A 273 27.83 -3.33 -45.66
CA SER A 273 28.31 -3.52 -44.30
C SER A 273 28.06 -4.96 -43.86
N LYS A 274 28.99 -5.49 -43.09
CA LYS A 274 28.94 -6.87 -42.63
C LYS A 274 28.99 -6.91 -41.11
N ILE A 275 28.15 -7.74 -40.52
CA ILE A 275 28.11 -7.85 -39.07
C ILE A 275 29.48 -8.24 -38.56
N GLU A 276 30.13 -9.15 -39.27
CA GLU A 276 31.46 -9.58 -38.86
C GLU A 276 32.32 -8.41 -38.42
N ASP A 277 32.33 -7.32 -39.18
CA ASP A 277 33.19 -6.20 -38.85
C ASP A 277 33.08 -5.84 -37.37
N TYR A 278 31.88 -5.94 -36.79
CA TYR A 278 31.67 -5.60 -35.39
C TYR A 278 31.61 -6.81 -34.48
N PHE A 279 31.18 -7.97 -34.99
CA PHE A 279 31.08 -9.20 -34.21
C PHE A 279 31.81 -10.31 -34.95
N PRO A 280 33.10 -10.53 -34.67
CA PRO A 280 33.85 -11.54 -35.44
C PRO A 280 33.25 -12.93 -35.36
N GLU A 281 32.55 -13.27 -34.26
CA GLU A 281 31.97 -14.59 -34.14
C GLU A 281 31.00 -14.90 -35.27
N PHE A 282 30.42 -13.89 -35.89
CA PHE A 282 29.54 -14.12 -37.04
C PHE A 282 30.24 -14.87 -38.16
N ALA A 283 31.55 -14.66 -38.33
CA ALA A 283 32.28 -15.41 -39.35
C ALA A 283 32.23 -16.91 -39.07
N ARG A 284 32.20 -17.29 -37.80
CA ARG A 284 32.18 -18.70 -37.43
C ARG A 284 30.84 -19.08 -36.79
N TYR A 285 29.75 -18.53 -37.32
CA TYR A 285 28.41 -18.84 -36.82
C TYR A 285 27.56 -19.33 -37.98
N THR A 286 26.75 -20.36 -37.71
CA THR A 286 25.87 -20.95 -38.71
C THR A 286 24.46 -21.02 -38.15
N THR A 287 23.49 -20.92 -39.06
CA THR A 287 22.09 -20.94 -38.65
C THR A 287 21.77 -22.29 -38.01
N PRO A 288 21.04 -22.32 -36.90
CA PRO A 288 20.63 -23.60 -36.33
C PRO A 288 19.60 -24.29 -37.22
N GLU A 289 19.55 -25.62 -37.11
CA GLU A 289 18.63 -26.38 -37.95
C GLU A 289 17.18 -26.12 -37.57
N ASP A 290 16.94 -25.45 -36.45
CA ASP A 290 15.58 -25.13 -36.01
C ASP A 290 15.05 -23.83 -36.59
N ALA A 291 15.84 -23.11 -37.37
CA ALA A 291 15.37 -21.84 -37.93
C ALA A 291 14.15 -22.09 -38.80
N THR A 292 13.20 -21.15 -38.72
CA THR A 292 11.93 -21.24 -39.44
C THR A 292 11.66 -19.93 -40.18
N PRO A 293 12.33 -19.71 -41.31
CA PRO A 293 12.00 -18.56 -42.17
C PRO A 293 10.83 -18.85 -43.10
N GLU A 294 9.64 -18.99 -42.51
CA GLU A 294 8.46 -19.34 -43.28
C GLU A 294 8.18 -18.38 -44.45
N PRO A 295 8.31 -17.06 -44.30
CA PRO A 295 7.98 -16.17 -45.42
C PRO A 295 8.83 -16.40 -46.65
N GLY A 296 10.01 -16.99 -46.52
CA GLY A 296 10.89 -17.22 -47.64
C GLY A 296 11.96 -16.16 -47.76
N GLU A 297 12.53 -15.77 -46.62
CA GLU A 297 13.59 -14.77 -46.60
C GLU A 297 14.90 -15.38 -47.12
N ASP A 298 15.82 -14.49 -47.50
CA ASP A 298 17.10 -14.94 -48.00
C ASP A 298 17.89 -15.61 -46.89
N PRO A 299 18.66 -16.67 -47.21
CA PRO A 299 19.42 -17.34 -46.13
C PRO A 299 20.36 -16.44 -45.38
N ARG A 300 20.98 -15.46 -46.07
CA ARG A 300 21.89 -14.55 -45.39
C ARG A 300 21.15 -13.72 -44.34
N VAL A 301 19.95 -13.24 -44.68
CA VAL A 301 19.16 -12.47 -43.73
C VAL A 301 18.78 -13.33 -42.53
N THR A 302 18.40 -14.58 -42.78
CA THR A 302 18.09 -15.48 -41.67
C THR A 302 19.31 -15.68 -40.77
N ARG A 303 20.48 -15.91 -41.38
CA ARG A 303 21.68 -16.09 -40.57
C ARG A 303 21.96 -14.87 -39.72
N ALA A 304 21.86 -13.67 -40.32
CA ALA A 304 22.13 -12.45 -39.58
C ALA A 304 21.16 -12.27 -38.43
N LYS A 305 19.86 -12.35 -38.71
CA LYS A 305 18.86 -12.08 -37.68
C LYS A 305 18.94 -13.12 -36.58
N TYR A 306 19.19 -14.39 -36.93
CA TYR A 306 19.33 -15.41 -35.89
C TYR A 306 20.60 -15.21 -35.08
N PHE A 307 21.67 -14.72 -35.70
CA PHE A 307 22.87 -14.40 -34.93
C PHE A 307 22.60 -13.29 -33.92
N ILE A 308 21.83 -12.27 -34.33
CA ILE A 308 21.51 -11.17 -33.41
C ILE A 308 20.63 -11.68 -32.27
N ARG A 309 19.60 -12.45 -32.61
CA ARG A 309 18.73 -13.03 -31.60
C ARG A 309 19.52 -13.90 -30.63
N LYS A 310 20.47 -14.68 -31.16
CA LYS A 310 21.32 -15.49 -30.30
C LYS A 310 22.19 -14.62 -29.42
N GLU A 311 22.67 -13.50 -29.95
CA GLU A 311 23.50 -12.60 -29.15
C GLU A 311 22.73 -12.12 -27.93
N PHE A 312 21.46 -11.80 -28.10
CA PHE A 312 20.66 -11.37 -26.95
C PHE A 312 20.28 -12.54 -26.04
N VAL A 313 19.88 -13.67 -26.62
CA VAL A 313 19.50 -14.83 -25.83
C VAL A 313 20.67 -15.38 -25.04
N ASP A 314 21.90 -15.16 -25.51
CA ASP A 314 23.06 -15.61 -24.77
C ASP A 314 23.14 -14.93 -23.42
N ILE A 315 23.00 -13.60 -23.40
CA ILE A 315 22.94 -12.87 -22.13
C ILE A 315 21.75 -13.35 -21.32
N SER A 316 20.58 -13.46 -21.97
CA SER A 316 19.38 -13.86 -21.26
C SER A 316 19.58 -15.16 -20.49
N THR A 317 20.13 -16.15 -21.16
CA THR A 317 20.39 -17.46 -20.53
C THR A 317 21.57 -17.49 -19.63
N ALA A 318 22.57 -16.73 -19.95
CA ALA A 318 23.79 -16.75 -19.21
C ALA A 318 23.59 -16.60 -17.76
N SER A 319 22.62 -15.83 -17.36
CA SER A 319 22.51 -15.57 -15.95
C SER A 319 21.27 -16.05 -15.34
N GLY A 320 20.27 -15.18 -15.29
CA GLY A 320 19.01 -15.52 -14.68
C GLY A 320 18.19 -16.50 -15.49
N ASP A 321 17.94 -17.68 -14.92
CA ASP A 321 17.14 -18.68 -15.62
C ASP A 321 16.04 -19.22 -14.71
N GLY A 322 14.80 -19.19 -15.19
CA GLY A 322 13.68 -19.71 -14.40
C GLY A 322 13.02 -18.63 -13.58
N ARG A 323 13.73 -17.55 -13.30
CA ARG A 323 13.15 -16.44 -12.55
C ARG A 323 12.63 -15.40 -13.52
N HIS A 324 13.14 -15.42 -14.75
CA HIS A 324 12.71 -14.47 -15.77
C HIS A 324 13.10 -14.94 -17.15
N ILE A 325 12.19 -14.78 -18.10
CA ILE A 325 12.48 -15.28 -19.45
C ILE A 325 12.54 -14.10 -20.41
N CYS A 326 13.30 -14.26 -21.48
CA CYS A 326 13.29 -13.32 -22.59
C CYS A 326 12.52 -13.92 -23.75
N TYR A 327 11.67 -13.10 -24.37
CA TYR A 327 10.84 -13.51 -25.50
C TYR A 327 11.29 -12.72 -26.73
N PRO A 328 12.29 -13.17 -27.46
CA PRO A 328 12.72 -12.45 -28.66
C PRO A 328 11.65 -12.46 -29.72
N HIS A 329 11.60 -11.38 -30.50
CA HIS A 329 10.69 -11.29 -31.63
C HIS A 329 11.37 -10.49 -32.73
N PHE A 330 11.09 -10.86 -33.98
CA PHE A 330 11.55 -10.13 -35.15
C PHE A 330 10.37 -9.30 -35.65
N THR A 331 10.51 -7.98 -35.58
CA THR A 331 9.45 -7.07 -35.96
C THR A 331 10.00 -5.96 -36.84
N CYS A 332 9.15 -5.44 -37.71
CA CYS A 332 9.45 -4.29 -38.54
C CYS A 332 8.83 -3.04 -37.92
N SER A 333 9.12 -1.89 -38.52
CA SER A 333 8.57 -0.63 -38.05
C SER A 333 7.05 -0.67 -38.09
N VAL A 334 6.50 -1.06 -39.24
CA VAL A 334 5.04 -1.16 -39.41
C VAL A 334 4.69 -2.64 -39.30
N ASP A 335 4.37 -3.07 -38.08
CA ASP A 335 3.90 -4.42 -37.82
C ASP A 335 2.62 -4.35 -37.02
N THR A 336 1.57 -5.00 -37.53
CA THR A 336 0.30 -5.04 -36.81
C THR A 336 0.24 -6.17 -35.78
N GLU A 337 1.22 -7.08 -35.81
CA GLU A 337 1.19 -8.23 -34.92
C GLU A 337 1.91 -7.98 -33.60
N ASN A 338 2.52 -6.81 -33.43
CA ASN A 338 3.31 -6.56 -32.23
C ASN A 338 2.46 -6.62 -30.97
N ALA A 339 1.25 -6.06 -31.02
CA ALA A 339 0.36 -6.14 -29.86
C ALA A 339 0.02 -7.59 -29.56
N ARG A 340 -0.23 -8.39 -30.58
CA ARG A 340 -0.52 -9.81 -30.37
C ARG A 340 0.69 -10.52 -29.76
N ARG A 341 1.90 -10.17 -30.23
CA ARG A 341 3.11 -10.75 -29.65
C ARG A 341 3.20 -10.42 -28.17
N ILE A 342 2.96 -9.16 -27.81
CA ILE A 342 3.02 -8.77 -26.42
C ILE A 342 1.97 -9.52 -25.61
N PHE A 343 0.76 -9.65 -26.15
CA PHE A 343 -0.29 -10.36 -25.43
C PHE A 343 0.10 -11.82 -25.19
N ASN A 344 0.64 -12.48 -26.20
CA ASN A 344 1.02 -13.88 -26.04
C ASN A 344 2.15 -14.02 -25.02
N ASP A 345 3.16 -13.15 -25.09
CA ASP A 345 4.26 -13.24 -24.15
C ASP A 345 3.80 -12.92 -22.73
N CYS A 346 2.86 -11.98 -22.59
CA CYS A 346 2.33 -11.69 -21.26
C CYS A 346 1.49 -12.83 -20.75
N LYS A 347 0.74 -13.49 -21.62
CA LYS A 347 0.01 -14.70 -21.21
C LYS A 347 0.99 -15.76 -20.72
N ASP A 348 2.10 -15.94 -21.41
CA ASP A 348 3.09 -16.91 -20.97
C ASP A 348 3.74 -16.48 -19.66
N ILE A 349 3.97 -15.18 -19.47
CA ILE A 349 4.55 -14.70 -18.23
C ILE A 349 3.59 -14.95 -17.06
N ILE A 350 2.31 -14.69 -17.27
CA ILE A 350 1.31 -14.95 -16.23
C ILE A 350 1.24 -16.45 -15.95
N LEU A 351 1.29 -17.27 -17.00
CA LEU A 351 1.30 -18.71 -16.80
C LEU A 351 2.51 -19.15 -16.00
N GLN A 352 3.67 -18.56 -16.26
CA GLN A 352 4.86 -18.90 -15.50
C GLN A 352 4.72 -18.49 -14.05
N MET A 353 4.11 -17.33 -13.79
CA MET A 353 3.87 -16.91 -12.42
C MET A 353 2.94 -17.89 -11.70
N ASN A 354 1.89 -18.33 -12.38
CA ASN A 354 0.99 -19.31 -11.78
C ASN A 354 1.71 -20.63 -11.52
N LEU A 355 2.51 -21.09 -12.48
CA LEU A 355 3.28 -22.32 -12.31
C LEU A 355 4.19 -22.22 -11.10
N ARG A 356 4.89 -21.10 -10.94
CA ARG A 356 5.74 -20.92 -9.77
C ARG A 356 4.92 -20.86 -8.49
N GLU A 357 3.77 -20.22 -8.52
CA GLU A 357 2.89 -20.19 -7.36
C GLU A 357 2.48 -21.59 -6.94
N TYR A 358 2.33 -22.51 -7.90
CA TYR A 358 1.97 -23.89 -7.59
C TYR A 358 3.18 -24.82 -7.59
N ASN A 359 4.39 -24.28 -7.63
CA ASN A 359 5.62 -25.08 -7.57
C ASN A 359 5.74 -26.02 -8.76
N LEU A 360 5.15 -25.67 -9.88
CA LEU A 360 5.23 -26.49 -11.09
C LEU A 360 6.41 -26.13 -11.96
N VAL A 361 7.20 -25.14 -11.59
CA VAL A 361 8.35 -24.73 -12.38
C VAL A 361 9.32 -23.95 -11.50
N ASP B 17 41.47 25.45 -17.64
CA ASP B 17 42.66 24.59 -17.90
C ASP B 17 43.40 24.29 -16.61
N GLN B 18 44.06 25.30 -16.04
CA GLN B 18 44.69 25.14 -14.74
C GLN B 18 43.67 25.01 -13.62
N LEU B 19 42.39 25.27 -13.91
CA LEU B 19 41.37 25.24 -12.86
C LEU B 19 41.20 23.84 -12.29
N ARG B 20 41.62 22.80 -13.02
CA ARG B 20 41.54 21.45 -12.50
C ARG B 20 42.52 21.24 -11.34
N GLN B 21 43.77 21.65 -11.54
CA GLN B 21 44.74 21.58 -10.44
C GLN B 21 44.35 22.52 -9.32
N GLU B 22 43.73 23.65 -9.65
CA GLU B 22 43.21 24.54 -8.60
C GLU B 22 42.14 23.83 -7.77
N ALA B 23 41.24 23.10 -8.43
CA ALA B 23 40.23 22.36 -7.70
C ALA B 23 40.86 21.26 -6.84
N GLU B 24 41.89 20.60 -7.37
CA GLU B 24 42.59 19.59 -6.58
C GLU B 24 43.21 20.21 -5.33
N GLN B 25 43.85 21.36 -5.48
CA GLN B 25 44.45 22.03 -4.33
C GLN B 25 43.39 22.45 -3.33
N LEU B 26 42.26 22.98 -3.81
CA LEU B 26 41.20 23.39 -2.90
C LEU B 26 40.62 22.20 -2.16
N LYS B 27 40.43 21.08 -2.85
CA LYS B 27 39.94 19.87 -2.18
C LYS B 27 40.93 19.39 -1.13
N ASN B 28 42.23 19.43 -1.45
CA ASN B 28 43.23 19.01 -0.48
C ASN B 28 43.22 19.91 0.74
N GLN B 29 43.06 21.22 0.53
CA GLN B 29 43.05 22.13 1.67
C GLN B 29 41.77 21.98 2.50
N ILE B 30 40.65 21.67 1.84
CA ILE B 30 39.43 21.37 2.58
C ILE B 30 39.62 20.12 3.42
N ARG B 31 40.25 19.08 2.86
CA ARG B 31 40.54 17.89 3.65
C ARG B 31 41.48 18.20 4.81
N ASP B 32 42.47 19.07 4.59
CA ASP B 32 43.38 19.44 5.67
C ASP B 32 42.63 20.15 6.79
N ALA B 33 41.72 21.06 6.44
CA ALA B 33 40.92 21.74 7.45
C ALA B 33 40.06 20.74 8.20
N ARG B 34 39.45 19.79 7.49
CA ARG B 34 38.64 18.78 8.15
C ARG B 34 39.47 17.93 9.10
N LYS B 35 40.68 17.55 8.69
CA LYS B 35 41.56 16.79 9.57
C LYS B 35 41.94 17.61 10.80
N ALA B 36 42.24 18.89 10.60
CA ALA B 36 42.50 19.77 11.74
C ALA B 36 41.32 19.79 12.68
N CYS B 37 40.10 19.69 12.14
CA CYS B 37 38.92 19.65 13.00
C CYS B 37 38.84 18.35 13.78
N ALA B 38 39.43 17.27 13.26
CA ALA B 38 39.27 15.93 13.84
C ALA B 38 40.25 15.72 15.01
N ASP B 39 40.02 16.48 16.08
CA ASP B 39 40.79 16.28 17.30
C ASP B 39 40.33 15.05 18.06
N ALA B 40 39.11 14.61 17.84
CA ALA B 40 38.57 13.40 18.47
C ALA B 40 37.50 12.83 17.56
N THR B 41 36.85 11.77 18.02
CA THR B 41 35.74 11.15 17.31
C THR B 41 34.56 10.99 18.25
N LEU B 42 33.36 11.11 17.69
CA LEU B 42 32.16 10.95 18.48
C LEU B 42 32.29 9.69 19.31
N SER B 43 32.73 8.61 18.68
CA SER B 43 32.81 7.35 19.41
C SER B 43 33.63 7.50 20.70
N GLN B 44 34.77 8.18 20.61
CA GLN B 44 35.59 8.38 21.80
C GLN B 44 34.82 9.15 22.87
N ILE B 45 34.10 10.20 22.47
CA ILE B 45 33.37 11.01 23.42
C ILE B 45 32.15 10.26 23.95
N THR B 46 31.53 9.43 23.10
CA THR B 46 30.29 8.76 23.50
C THR B 46 30.57 7.51 24.32
N ASN B 47 31.81 7.02 24.34
CA ASN B 47 32.13 5.83 25.12
C ASN B 47 31.65 5.94 26.56
N ASN B 48 31.78 7.13 27.16
CA ASN B 48 31.46 7.27 28.58
C ASN B 48 29.96 7.22 28.83
N ILE B 49 29.14 7.65 27.87
CA ILE B 49 27.71 7.72 28.11
C ILE B 49 27.14 6.31 28.25
N ASP B 50 26.02 6.20 28.96
CA ASP B 50 25.38 4.90 29.12
C ASP B 50 24.74 4.47 27.80
N PRO B 51 24.73 3.17 27.53
CA PRO B 51 24.17 2.66 26.28
C PRO B 51 22.64 2.67 26.29
N VAL B 52 22.03 2.99 25.15
CA VAL B 52 20.58 2.99 25.04
C VAL B 52 20.00 1.65 25.46
N GLY B 53 20.82 0.62 25.53
CA GLY B 53 20.33 -0.71 25.82
C GLY B 53 19.65 -1.31 24.61
N ARG B 54 18.68 -2.20 24.87
CA ARG B 54 17.99 -2.86 23.76
C ARG B 54 16.57 -2.36 23.66
N ILE B 55 16.24 -1.74 22.53
CA ILE B 55 14.90 -1.18 22.38
C ILE B 55 13.97 -2.13 21.65
N GLN B 56 12.77 -2.34 22.19
CA GLN B 56 11.79 -3.17 21.50
C GLN B 56 10.56 -2.35 21.18
N MET B 57 10.34 -2.09 19.89
CA MET B 57 9.14 -1.44 19.42
C MET B 57 8.20 -2.50 18.86
N ARG B 58 6.90 -2.29 19.09
CA ARG B 58 5.88 -3.19 18.61
C ARG B 58 5.01 -2.45 17.60
N THR B 59 4.44 -3.21 16.67
CA THR B 59 3.57 -2.67 15.64
C THR B 59 2.21 -2.39 16.26
N ARG B 60 1.97 -1.13 16.62
CA ARG B 60 0.68 -0.74 17.17
C ARG B 60 -0.40 -0.71 16.10
N ARG B 61 -0.06 -0.27 14.89
CA ARG B 61 -1.02 -0.11 13.82
C ARG B 61 -0.47 -0.70 12.53
N THR B 62 -1.39 -1.20 11.70
CA THR B 62 -1.08 -1.62 10.34
C THR B 62 -2.11 -0.98 9.43
N LEU B 63 -1.65 -0.28 8.40
CA LEU B 63 -2.51 0.46 7.49
C LEU B 63 -2.58 -0.31 6.18
N ARG B 64 -3.74 -0.92 5.91
CA ARG B 64 -3.95 -1.78 4.76
C ARG B 64 -4.99 -1.14 3.85
N GLY B 65 -4.54 -0.24 2.97
CA GLY B 65 -5.41 0.25 1.93
C GLY B 65 -4.78 0.26 0.55
N HIS B 66 -3.45 0.28 0.50
CA HIS B 66 -2.76 0.47 -0.76
C HIS B 66 -2.77 -0.80 -1.60
N LEU B 67 -2.92 -0.62 -2.91
CA LEU B 67 -2.96 -1.74 -3.83
C LEU B 67 -1.57 -2.23 -4.21
N ALA B 68 -0.57 -1.35 -4.17
CA ALA B 68 0.76 -1.67 -4.66
C ALA B 68 1.80 -1.19 -3.67
N LYS B 69 3.06 -1.23 -4.09
CA LYS B 69 4.17 -0.84 -3.24
C LYS B 69 4.03 0.61 -2.79
N ILE B 70 4.31 0.85 -1.53
CA ILE B 70 4.33 2.19 -0.96
C ILE B 70 5.73 2.75 -1.14
N TYR B 71 5.83 3.91 -1.77
CA TYR B 71 7.13 4.51 -2.03
C TYR B 71 7.47 5.68 -1.17
N ALA B 72 6.50 6.28 -0.52
CA ALA B 72 6.76 7.40 0.37
C ALA B 72 5.65 7.52 1.41
N MET B 73 6.00 8.09 2.55
CA MET B 73 5.02 8.48 3.55
C MET B 73 5.56 9.70 4.27
N HIS B 74 4.65 10.58 4.67
CA HIS B 74 5.03 11.73 5.49
C HIS B 74 4.01 11.93 6.58
N TRP B 75 4.49 12.13 7.79
CA TRP B 75 3.66 12.45 8.94
C TRP B 75 3.19 13.90 8.84
N GLY B 76 1.95 14.13 9.24
CA GLY B 76 1.52 15.49 9.50
C GLY B 76 2.10 16.03 10.79
N THR B 77 2.13 17.35 10.90
CA THR B 77 2.69 17.97 12.10
C THR B 77 1.87 17.66 13.33
N ASP B 78 0.60 17.29 13.15
CA ASP B 78 -0.24 16.89 14.28
C ASP B 78 0.15 15.54 14.83
N SER B 79 1.06 14.81 14.17
CA SER B 79 1.54 13.51 14.61
C SER B 79 0.45 12.45 14.61
N ARG B 80 -0.67 12.73 13.94
CA ARG B 80 -1.77 11.79 13.89
C ARG B 80 -2.16 11.49 12.46
N LEU B 81 -2.20 12.52 11.61
CA LEU B 81 -2.51 12.33 10.20
C LEU B 81 -1.24 11.98 9.45
N LEU B 82 -1.38 11.16 8.42
CA LEU B 82 -0.22 10.62 7.73
C LEU B 82 -0.55 10.42 6.27
N VAL B 83 0.26 10.95 5.36
CA VAL B 83 0.06 10.72 3.94
C VAL B 83 1.02 9.73 3.43
N SER B 84 0.54 8.79 2.69
CA SER B 84 1.36 7.75 2.10
C SER B 84 1.05 7.68 0.61
N ALA B 85 2.08 7.40 -0.19
CA ALA B 85 1.96 7.34 -1.64
C ALA B 85 2.29 5.93 -2.12
N SER B 86 1.45 5.40 -2.99
CA SER B 86 1.67 4.05 -3.52
C SER B 86 1.68 4.09 -5.04
N GLN B 87 2.40 3.15 -5.62
CA GLN B 87 2.51 3.04 -7.08
C GLN B 87 1.21 2.63 -7.72
N ASP B 88 0.15 2.42 -6.96
CA ASP B 88 -1.19 2.30 -7.51
C ASP B 88 -1.78 3.64 -7.92
N GLY B 89 -1.03 4.71 -7.85
CA GLY B 89 -1.59 5.99 -8.17
C GLY B 89 -2.50 6.54 -7.13
N LYS B 90 -2.16 6.37 -5.86
CA LYS B 90 -3.10 6.83 -4.89
C LYS B 90 -2.54 7.24 -3.59
N LEU B 91 -2.61 8.50 -3.28
CA LEU B 91 -2.23 9.03 -1.98
C LEU B 91 -3.32 8.64 -1.01
N ILE B 92 -2.95 8.17 0.17
CA ILE B 92 -3.91 7.91 1.23
C ILE B 92 -3.51 8.73 2.44
N ILE B 93 -4.50 9.44 2.98
CA ILE B 93 -4.29 10.21 4.16
C ILE B 93 -4.95 9.41 5.23
N TRP B 94 -4.23 8.99 6.22
CA TRP B 94 -4.64 8.07 7.26
C TRP B 94 -4.78 8.83 8.57
N ASP B 95 -5.78 8.46 9.35
CA ASP B 95 -5.83 8.75 10.78
C ASP B 95 -5.06 7.64 11.48
N SER B 96 -3.86 7.95 11.96
CA SER B 96 -3.01 6.92 12.55
C SER B 96 -3.64 6.30 13.79
N TYR B 97 -4.31 7.10 14.61
CA TYR B 97 -4.86 6.59 15.85
C TYR B 97 -5.95 5.56 15.60
N THR B 98 -6.83 5.82 14.64
CA THR B 98 -7.97 4.96 14.38
C THR B 98 -7.77 4.06 13.17
N THR B 99 -6.69 4.23 12.41
CA THR B 99 -6.45 3.57 11.13
C THR B 99 -7.48 3.98 10.08
N ASN B 100 -8.26 5.02 10.35
CA ASN B 100 -9.24 5.46 9.38
C ASN B 100 -8.56 6.11 8.19
N LYS B 101 -9.12 5.88 7.01
CA LYS B 101 -8.67 6.52 5.79
C LYS B 101 -9.39 7.86 5.68
N VAL B 102 -8.69 8.95 6.00
CA VAL B 102 -9.31 10.26 5.91
C VAL B 102 -9.54 10.62 4.45
N HIS B 103 -8.53 10.41 3.60
CA HIS B 103 -8.67 10.72 2.19
C HIS B 103 -8.01 9.64 1.34
N ALA B 104 -8.54 9.46 0.14
CA ALA B 104 -7.90 8.66 -0.91
C ALA B 104 -7.88 9.50 -2.17
N ILE B 105 -6.70 10.01 -2.50
CA ILE B 105 -6.50 10.92 -3.63
C ILE B 105 -6.02 10.10 -4.81
N PRO B 106 -6.77 10.02 -5.91
CA PRO B 106 -6.24 9.40 -7.13
C PRO B 106 -5.29 10.33 -7.85
N LEU B 107 -4.09 9.84 -8.14
CA LEU B 107 -3.08 10.64 -8.80
C LEU B 107 -3.21 10.54 -10.31
N ARG B 108 -2.85 11.63 -11.00
CA ARG B 108 -2.84 11.60 -12.46
C ARG B 108 -1.78 10.63 -12.98
N SER B 109 -0.62 10.58 -12.32
CA SER B 109 0.45 9.68 -12.68
C SER B 109 0.67 8.69 -11.54
N SER B 110 0.76 7.40 -11.88
CA SER B 110 0.82 6.36 -10.87
C SER B 110 2.24 6.12 -10.35
N TRP B 111 3.25 6.71 -10.98
CA TRP B 111 4.64 6.40 -10.65
C TRP B 111 5.17 7.41 -9.64
N VAL B 112 4.43 7.55 -8.56
CA VAL B 112 4.78 8.48 -7.49
C VAL B 112 5.97 7.93 -6.71
N MET B 113 6.92 8.79 -6.41
CA MET B 113 8.10 8.44 -5.64
C MET B 113 8.22 9.20 -4.33
N THR B 114 7.51 10.30 -4.18
CA THR B 114 7.62 11.13 -2.98
C THR B 114 6.24 11.68 -2.64
N CYS B 115 6.09 12.08 -1.37
CA CYS B 115 4.87 12.72 -0.91
C CYS B 115 5.19 13.54 0.32
N ALA B 116 4.57 14.71 0.45
CA ALA B 116 4.86 15.59 1.58
C ALA B 116 3.61 16.21 2.17
N TYR B 117 3.49 16.18 3.49
CA TYR B 117 2.36 16.82 4.13
C TYR B 117 2.75 18.21 4.59
N ALA B 118 1.99 19.22 4.17
CA ALA B 118 2.34 20.58 4.52
C ALA B 118 2.28 20.76 6.04
N PRO B 119 3.21 21.51 6.63
CA PRO B 119 3.18 21.69 8.08
C PRO B 119 1.87 22.27 8.58
N SER B 120 1.16 23.03 7.75
CA SER B 120 -0.17 23.51 8.09
C SER B 120 -1.23 22.42 8.00
N GLY B 121 -0.98 21.36 7.25
CA GLY B 121 -1.97 20.34 7.04
C GLY B 121 -2.98 20.63 5.96
N ASN B 122 -2.85 21.76 5.26
CA ASN B 122 -3.80 22.14 4.23
C ASN B 122 -3.50 21.51 2.87
N TYR B 123 -2.30 20.99 2.67
CA TYR B 123 -1.90 20.52 1.35
C TYR B 123 -1.07 19.25 1.49
N VAL B 124 -1.08 18.45 0.43
CA VAL B 124 -0.15 17.35 0.27
C VAL B 124 0.54 17.48 -1.08
N ALA B 125 1.85 17.30 -1.09
CA ALA B 125 2.61 17.27 -2.32
C ALA B 125 2.96 15.84 -2.68
N CYS B 126 3.04 15.56 -3.97
CA CYS B 126 3.53 14.28 -4.44
C CYS B 126 4.13 14.47 -5.82
N GLY B 127 4.71 13.41 -6.36
CA GLY B 127 5.29 13.45 -7.68
C GLY B 127 6.23 12.28 -7.85
N GLY B 128 6.71 12.11 -9.08
CA GLY B 128 7.56 10.97 -9.37
C GLY B 128 8.07 10.94 -10.79
N LEU B 129 7.97 9.78 -11.44
CA LEU B 129 8.51 9.63 -12.79
C LEU B 129 7.94 10.68 -13.73
N ASP B 130 6.70 11.11 -13.49
CA ASP B 130 6.22 12.35 -14.08
C ASP B 130 6.95 13.51 -13.40
N ASN B 131 7.69 14.29 -14.18
CA ASN B 131 8.59 15.29 -13.60
C ASN B 131 7.81 16.50 -13.10
N ILE B 132 6.81 16.22 -12.27
CA ILE B 132 5.89 17.23 -11.76
C ILE B 132 5.71 17.02 -10.28
N CYS B 133 5.67 18.12 -9.53
CA CYS B 133 5.26 18.10 -8.13
C CYS B 133 3.82 18.61 -8.07
N SER B 134 2.90 17.70 -7.83
CA SER B 134 1.49 18.03 -7.73
C SER B 134 1.18 18.41 -6.28
N ILE B 135 0.61 19.60 -6.10
CA ILE B 135 0.13 20.08 -4.82
C ILE B 135 -1.38 19.93 -4.82
N TYR B 136 -1.88 19.18 -3.84
CA TYR B 136 -3.30 18.88 -3.67
C TYR B 136 -3.81 19.60 -2.44
N ASN B 137 -4.94 20.28 -2.58
CA ASN B 137 -5.57 21.01 -1.50
C ASN B 137 -6.48 20.07 -0.71
N LEU B 138 -6.17 19.88 0.57
CA LEU B 138 -6.97 19.01 1.41
C LEU B 138 -8.07 19.82 2.06
N LYS B 139 -8.04 21.13 1.87
CA LYS B 139 -9.02 21.99 2.52
C LYS B 139 -9.85 22.79 1.52
N THR B 140 -10.50 22.11 0.58
CA THR B 140 -11.38 22.81 -0.34
C THR B 140 -12.78 22.93 0.26
N ARG B 141 -13.50 23.96 -0.18
CA ARG B 141 -14.91 24.09 0.20
C ARG B 141 -15.78 23.04 -0.46
N GLU B 142 -15.35 22.52 -1.62
CA GLU B 142 -16.13 21.51 -2.31
C GLU B 142 -16.14 20.19 -1.55
N GLY B 143 -15.24 20.03 -0.58
CA GLY B 143 -15.17 18.82 0.19
C GLY B 143 -14.41 17.68 -0.46
N ASN B 144 -13.79 17.91 -1.61
CA ASN B 144 -12.98 16.92 -2.29
C ASN B 144 -11.57 17.46 -2.45
N VAL B 145 -10.59 16.57 -2.43
CA VAL B 145 -9.20 16.96 -2.65
C VAL B 145 -8.98 17.19 -4.14
N ARG B 146 -8.39 18.32 -4.48
CA ARG B 146 -8.16 18.70 -5.85
C ARG B 146 -6.72 19.15 -6.02
N VAL B 147 -6.21 19.02 -7.25
CA VAL B 147 -4.89 19.53 -7.56
C VAL B 147 -4.89 21.04 -7.39
N SER B 148 -4.14 21.53 -6.40
CA SER B 148 -3.91 22.96 -6.31
C SER B 148 -3.05 23.43 -7.47
N ARG B 149 -1.95 22.72 -7.73
CA ARG B 149 -1.05 23.13 -8.81
C ARG B 149 -0.18 21.97 -9.23
N GLU B 150 0.37 22.05 -10.44
CA GLU B 150 1.32 21.07 -10.95
C GLU B 150 2.63 21.78 -11.26
N LEU B 151 3.55 21.77 -10.31
CA LEU B 151 4.87 22.39 -10.45
C LEU B 151 5.66 21.58 -11.47
N ALA B 152 5.82 22.17 -12.66
CA ALA B 152 6.63 21.57 -13.71
C ALA B 152 7.88 22.41 -13.94
N GLY B 153 8.94 21.75 -14.42
CA GLY B 153 10.19 22.41 -14.66
C GLY B 153 11.38 21.52 -14.38
N HIS B 154 11.18 20.49 -13.57
CA HIS B 154 12.19 19.46 -13.40
C HIS B 154 12.26 18.61 -14.65
N THR B 155 13.48 18.37 -15.12
CA THR B 155 13.70 17.52 -16.29
C THR B 155 13.97 16.07 -15.93
N GLY B 156 13.90 15.72 -14.65
CA GLY B 156 14.01 14.35 -14.20
C GLY B 156 12.87 14.02 -13.25
N TYR B 157 12.83 12.74 -12.85
CA TYR B 157 11.79 12.30 -11.93
C TYR B 157 11.92 13.01 -10.59
N LEU B 158 10.79 13.32 -9.98
CA LEU B 158 10.74 13.98 -8.69
C LEU B 158 11.00 12.92 -7.62
N SER B 159 12.08 13.09 -6.87
CA SER B 159 12.49 12.08 -5.90
C SER B 159 12.08 12.45 -4.47
N CYS B 160 11.99 13.75 -4.16
CA CYS B 160 11.63 14.18 -2.83
C CYS B 160 11.10 15.60 -2.90
N CYS B 161 10.09 15.88 -2.07
CA CYS B 161 9.52 17.20 -1.96
C CYS B 161 9.15 17.45 -0.51
N ARG B 162 9.38 18.68 -0.04
CA ARG B 162 9.07 19.05 1.33
C ARG B 162 8.56 20.48 1.36
N PHE B 163 7.42 20.69 2.01
CA PHE B 163 6.89 22.03 2.17
C PHE B 163 7.73 22.82 3.16
N LEU B 164 7.89 24.11 2.89
CA LEU B 164 8.54 24.98 3.84
C LEU B 164 7.42 25.91 4.28
N ASP B 165 6.33 25.96 3.52
CA ASP B 165 5.18 26.82 3.84
C ASP B 165 4.05 26.55 2.84
N ASP B 166 2.81 27.00 3.12
CA ASP B 166 1.73 26.69 2.19
C ASP B 166 1.98 27.20 0.79
N ASN B 167 3.04 28.00 0.58
CA ASN B 167 3.34 28.54 -0.74
C ASN B 167 4.75 28.18 -1.22
N GLN B 168 5.60 27.67 -0.34
CA GLN B 168 6.99 27.40 -0.68
C GLN B 168 7.25 25.91 -0.54
N ILE B 169 7.70 25.26 -1.60
CA ILE B 169 8.01 23.83 -1.54
C ILE B 169 9.35 23.58 -2.21
N VAL B 170 10.22 22.82 -1.56
CA VAL B 170 11.52 22.45 -2.11
C VAL B 170 11.44 21.00 -2.59
N THR B 171 11.91 20.76 -3.80
CA THR B 171 11.85 19.45 -4.43
C THR B 171 13.23 19.06 -4.91
N SER B 172 13.49 17.76 -4.91
CA SER B 172 14.70 17.17 -5.47
C SER B 172 14.32 16.30 -6.65
N SER B 173 15.22 16.19 -7.63
CA SER B 173 14.87 15.56 -8.88
C SER B 173 16.01 14.69 -9.40
N GLY B 174 15.69 13.87 -10.39
CA GLY B 174 16.69 13.15 -11.16
C GLY B 174 17.50 14.03 -12.07
N ASP B 175 17.20 15.32 -12.10
CA ASP B 175 18.00 16.25 -12.90
C ASP B 175 19.22 16.69 -12.12
N THR B 176 19.58 15.94 -11.08
CA THR B 176 20.74 16.28 -10.26
C THR B 176 20.63 17.67 -9.67
N THR B 177 19.40 18.19 -9.61
CA THR B 177 19.17 19.54 -9.11
C THR B 177 17.92 19.71 -8.27
N CYS B 178 18.01 20.48 -7.20
CA CYS B 178 16.87 20.77 -6.35
C CYS B 178 16.27 22.10 -6.79
N ALA B 179 15.08 22.39 -6.29
CA ALA B 179 14.41 23.62 -6.67
C ALA B 179 13.43 24.03 -5.59
N LEU B 180 13.49 25.31 -5.21
CA LEU B 180 12.47 25.92 -4.37
C LEU B 180 11.44 26.59 -5.26
N TRP B 181 10.19 26.19 -5.09
CA TRP B 181 9.06 26.65 -5.87
C TRP B 181 8.16 27.53 -5.03
N ASP B 182 7.71 28.62 -5.64
CA ASP B 182 6.59 29.41 -5.16
C ASP B 182 5.32 28.75 -5.70
N ILE B 183 4.52 28.16 -4.81
CA ILE B 183 3.38 27.37 -5.26
C ILE B 183 2.34 28.26 -5.92
N GLU B 184 2.15 29.49 -5.42
CA GLU B 184 1.12 30.36 -5.99
C GLU B 184 1.37 30.61 -7.47
N THR B 185 2.62 30.92 -7.83
CA THR B 185 2.96 31.22 -9.21
C THR B 185 3.34 29.99 -10.02
N GLY B 186 3.71 28.89 -9.36
CA GLY B 186 4.10 27.69 -10.07
C GLY B 186 5.44 27.77 -10.72
N GLN B 187 6.32 28.65 -10.25
CA GLN B 187 7.63 28.85 -10.85
C GLN B 187 8.70 28.51 -9.83
N GLN B 188 9.83 28.00 -10.31
CA GLN B 188 10.96 27.74 -9.44
C GLN B 188 11.52 29.07 -8.93
N THR B 189 11.25 29.38 -7.67
CA THR B 189 11.82 30.58 -7.08
C THR B 189 13.35 30.55 -7.15
N THR B 190 13.94 29.40 -6.83
CA THR B 190 15.38 29.25 -6.99
C THR B 190 15.71 27.81 -7.33
N THR B 191 16.91 27.60 -7.86
CA THR B 191 17.36 26.28 -8.27
C THR B 191 18.72 26.02 -7.65
N PHE B 192 19.00 24.76 -7.37
CA PHE B 192 20.23 24.32 -6.74
C PHE B 192 20.86 23.27 -7.64
N THR B 193 22.01 23.62 -8.25
CA THR B 193 22.58 22.82 -9.34
C THR B 193 24.01 22.39 -9.06
N GLY B 194 24.33 21.99 -7.83
CA GLY B 194 25.65 21.51 -7.52
C GLY B 194 25.87 20.03 -7.68
N HIS B 195 24.81 19.22 -7.66
CA HIS B 195 24.94 17.78 -7.69
C HIS B 195 25.26 17.27 -9.09
N THR B 196 25.96 16.14 -9.14
CA THR B 196 26.29 15.48 -10.39
C THR B 196 25.54 14.18 -10.62
N GLY B 197 24.67 13.77 -9.69
CA GLY B 197 23.85 12.60 -9.87
C GLY B 197 22.43 12.87 -9.40
N ASP B 198 21.55 11.92 -9.70
CA ASP B 198 20.16 12.03 -9.30
C ASP B 198 20.06 12.33 -7.81
N VAL B 199 19.32 13.37 -7.46
CA VAL B 199 19.09 13.73 -6.07
C VAL B 199 17.94 12.88 -5.57
N MET B 200 18.18 12.08 -4.53
CA MET B 200 17.20 11.11 -4.08
C MET B 200 16.39 11.60 -2.90
N SER B 201 17.03 12.32 -1.99
CA SER B 201 16.38 12.76 -0.77
C SER B 201 16.84 14.16 -0.41
N LEU B 202 15.94 14.89 0.23
CA LEU B 202 16.25 16.19 0.81
C LEU B 202 15.60 16.25 2.19
N SER B 203 16.22 17.00 3.09
CA SER B 203 15.68 17.18 4.43
C SER B 203 15.81 18.65 4.81
N LEU B 204 14.69 19.25 5.21
CA LEU B 204 14.70 20.62 5.68
C LEU B 204 15.22 20.70 7.11
N ALA B 205 16.01 21.73 7.38
CA ALA B 205 16.45 21.99 8.72
C ALA B 205 15.26 22.44 9.58
N PRO B 206 15.34 22.27 10.90
CA PRO B 206 14.23 22.70 11.75
C PRO B 206 13.83 24.16 11.54
N ASP B 207 14.80 25.05 11.36
CA ASP B 207 14.49 26.46 11.16
C ASP B 207 14.12 26.79 9.72
N THR B 208 14.19 25.83 8.81
CA THR B 208 13.78 25.97 7.41
C THR B 208 14.75 26.87 6.62
N ARG B 209 15.76 27.43 7.27
CA ARG B 209 16.73 28.26 6.58
C ARG B 209 17.64 27.45 5.66
N LEU B 210 17.99 26.23 6.04
CA LEU B 210 18.87 25.38 5.27
C LEU B 210 18.20 24.05 5.00
N PHE B 211 18.68 23.35 3.98
CA PHE B 211 18.25 21.97 3.75
C PHE B 211 19.40 21.18 3.13
N VAL B 212 19.45 19.89 3.45
CA VAL B 212 20.48 19.00 2.93
C VAL B 212 19.85 18.09 1.90
N SER B 213 20.57 17.83 0.81
CA SER B 213 20.12 16.92 -0.22
C SER B 213 21.22 15.92 -0.53
N GLY B 214 20.85 14.64 -0.59
CA GLY B 214 21.78 13.58 -0.96
C GLY B 214 21.46 13.08 -2.35
N ALA B 215 22.50 12.81 -3.13
CA ALA B 215 22.34 12.44 -4.54
C ALA B 215 23.06 11.14 -4.83
N CYS B 216 22.87 10.65 -6.06
CA CYS B 216 23.53 9.42 -6.51
C CYS B 216 25.04 9.60 -6.67
N ASP B 217 25.55 10.83 -6.62
CA ASP B 217 26.99 11.05 -6.64
C ASP B 217 27.63 10.75 -5.30
N ALA B 218 26.90 10.15 -4.36
CA ALA B 218 27.42 9.74 -3.06
C ALA B 218 27.75 10.92 -2.17
N SER B 219 27.31 12.12 -2.53
CA SER B 219 27.58 13.32 -1.76
C SER B 219 26.28 13.91 -1.26
N ALA B 220 26.36 14.54 -0.09
CA ALA B 220 25.25 15.31 0.47
C ALA B 220 25.68 16.77 0.53
N LYS B 221 24.84 17.65 0.01
CA LYS B 221 25.13 19.08 -0.01
C LYS B 221 24.15 19.83 0.87
N LEU B 222 24.68 20.72 1.70
CA LEU B 222 23.88 21.66 2.46
C LEU B 222 23.63 22.90 1.62
N TRP B 223 22.38 23.33 1.58
CA TRP B 223 21.91 24.41 0.73
C TRP B 223 21.27 25.49 1.58
N ASP B 224 21.66 26.74 1.32
CA ASP B 224 20.98 27.88 1.90
C ASP B 224 19.74 28.20 1.06
N VAL B 225 18.57 28.13 1.68
CA VAL B 225 17.33 28.31 0.93
C VAL B 225 17.25 29.71 0.33
N ARG B 226 17.59 30.72 1.12
CA ARG B 226 17.50 32.10 0.65
C ARG B 226 18.56 32.40 -0.41
N GLU B 227 19.82 32.16 -0.09
CA GLU B 227 20.90 32.50 -1.02
C GLU B 227 20.87 31.63 -2.26
N GLY B 228 20.51 30.36 -2.12
CA GLY B 228 20.45 29.46 -3.26
C GLY B 228 21.75 28.81 -3.63
N MET B 229 22.70 28.72 -2.70
CA MET B 229 24.02 28.16 -2.98
C MET B 229 24.31 27.03 -1.99
N CYS B 230 25.25 26.17 -2.38
CA CYS B 230 25.67 25.06 -1.53
C CYS B 230 26.70 25.56 -0.53
N ARG B 231 26.33 25.59 0.76
CA ARG B 231 27.28 25.97 1.79
C ARG B 231 28.39 24.93 1.95
N GLN B 232 28.03 23.66 2.07
CA GLN B 232 29.00 22.62 2.36
C GLN B 232 28.64 21.38 1.57
N THR B 233 29.65 20.52 1.36
CA THR B 233 29.48 19.24 0.70
C THR B 233 30.16 18.16 1.53
N PHE B 234 29.55 16.98 1.54
CA PHE B 234 30.00 15.85 2.34
C PHE B 234 30.07 14.63 1.43
N THR B 235 31.17 13.86 1.54
CA THR B 235 31.44 12.83 0.54
C THR B 235 31.91 11.51 1.13
N GLY B 236 31.53 11.17 2.37
CA GLY B 236 31.98 9.93 2.96
C GLY B 236 31.48 8.69 2.27
N HIS B 237 30.27 8.71 1.73
CA HIS B 237 29.64 7.51 1.20
C HIS B 237 30.34 7.04 -0.08
N GLU B 238 30.38 5.72 -0.24
CA GLU B 238 30.95 5.10 -1.42
C GLU B 238 29.92 4.81 -2.50
N SER B 239 28.64 5.07 -2.25
CA SER B 239 27.58 4.73 -3.20
C SER B 239 26.47 5.77 -3.09
N ASP B 240 25.42 5.55 -3.87
CA ASP B 240 24.32 6.49 -3.95
C ASP B 240 23.68 6.72 -2.59
N ILE B 241 23.32 7.96 -2.31
CA ILE B 241 22.60 8.31 -1.09
C ILE B 241 21.11 8.35 -1.43
N ASN B 242 20.34 7.47 -0.78
CA ASN B 242 18.91 7.38 -1.03
C ASN B 242 18.07 8.12 0.00
N ALA B 243 18.62 8.39 1.19
CA ALA B 243 17.85 8.98 2.26
C ALA B 243 18.74 9.96 3.02
N ILE B 244 18.12 11.06 3.46
CA ILE B 244 18.81 12.08 4.21
C ILE B 244 17.83 12.65 5.24
N CYS B 245 18.32 12.88 6.45
CA CYS B 245 17.46 13.36 7.51
C CYS B 245 18.25 14.18 8.50
N PHE B 246 17.82 15.43 8.71
CA PHE B 246 18.52 16.30 9.63
C PHE B 246 18.39 15.82 11.06
N PHE B 247 19.29 16.26 11.93
CA PHE B 247 19.25 15.88 13.31
C PHE B 247 18.29 16.82 13.83
N PRO B 248 17.81 16.55 14.99
CA PRO B 248 16.77 17.44 15.50
C PRO B 248 17.18 18.89 15.74
N ASN B 249 18.40 19.12 16.21
CA ASN B 249 18.83 20.51 16.43
C ASN B 249 19.24 21.21 15.14
N GLY B 250 19.38 20.49 14.03
CA GLY B 250 19.74 21.10 12.77
C GLY B 250 21.21 21.33 12.55
N ASN B 251 22.06 20.95 13.51
CA ASN B 251 23.51 21.10 13.37
C ASN B 251 24.17 19.85 12.81
N ALA B 252 23.41 18.79 12.53
CA ALA B 252 23.96 17.56 11.99
C ALA B 252 22.86 16.87 11.20
N PHE B 253 23.25 15.91 10.38
CA PHE B 253 22.28 15.18 9.58
C PHE B 253 22.79 13.78 9.30
N ALA B 254 21.87 12.86 9.08
CA ALA B 254 22.21 11.48 8.76
C ALA B 254 21.82 11.16 7.33
N THR B 255 22.68 10.41 6.66
CA THR B 255 22.45 9.96 5.29
C THR B 255 22.48 8.44 5.24
N GLY B 256 21.58 7.87 4.47
CA GLY B 256 21.57 6.44 4.20
C GLY B 256 21.84 6.21 2.72
N SER B 257 22.65 5.19 2.42
CA SER B 257 23.12 4.99 1.06
C SER B 257 22.98 3.52 0.66
N ASP B 258 23.21 3.27 -0.62
CA ASP B 258 23.34 1.91 -1.14
C ASP B 258 24.57 1.20 -0.58
N ASP B 259 25.49 1.93 0.04
CA ASP B 259 26.69 1.36 0.63
C ASP B 259 26.38 0.46 1.81
N ALA B 260 25.11 0.36 2.19
CA ALA B 260 24.66 -0.44 3.32
C ALA B 260 25.07 0.16 4.66
N THR B 261 25.37 1.45 4.68
CA THR B 261 25.75 2.13 5.91
C THR B 261 25.01 3.46 5.98
N CYS B 262 24.83 3.95 7.19
CA CYS B 262 24.38 5.31 7.42
C CYS B 262 25.56 6.13 7.93
N ARG B 263 25.46 7.44 7.78
CA ARG B 263 26.54 8.31 8.22
C ARG B 263 25.95 9.58 8.83
N LEU B 264 26.44 9.92 10.01
CA LEU B 264 26.11 11.17 10.68
C LEU B 264 27.21 12.18 10.39
N PHE B 265 26.84 13.28 9.74
CA PHE B 265 27.72 14.40 9.41
C PHE B 265 27.34 15.58 10.28
N ASP B 266 28.33 16.39 10.64
CA ASP B 266 28.12 17.61 11.40
C ASP B 266 28.37 18.82 10.51
N LEU B 267 27.43 19.77 10.52
CA LEU B 267 27.58 20.97 9.70
C LEU B 267 28.73 21.83 10.19
N ARG B 268 28.73 22.12 11.49
CA ARG B 268 29.77 22.97 12.05
C ARG B 268 31.15 22.38 11.81
N ALA B 269 31.36 21.16 12.26
CA ALA B 269 32.63 20.48 12.02
C ALA B 269 32.84 20.18 10.55
N ASP B 270 31.77 20.14 9.76
CA ASP B 270 31.86 20.03 8.31
C ASP B 270 32.53 18.72 7.88
N GLN B 271 32.10 17.61 8.48
CA GLN B 271 32.65 16.32 8.12
C GLN B 271 31.81 15.21 8.73
N GLU B 272 32.20 13.98 8.43
CA GLU B 272 31.53 12.82 9.00
C GLU B 272 31.84 12.69 10.49
N LEU B 273 30.80 12.41 11.27
CA LEU B 273 30.99 12.22 12.70
C LEU B 273 30.87 10.74 13.09
N MET B 274 29.98 9.99 12.45
CA MET B 274 29.91 8.57 12.77
C MET B 274 29.39 7.78 11.58
N THR B 275 29.76 6.51 11.52
CA THR B 275 29.25 5.57 10.54
C THR B 275 28.48 4.46 11.26
N TYR B 276 27.28 4.17 10.77
CA TYR B 276 26.40 3.16 11.34
C TYR B 276 26.31 2.03 10.31
N SER B 277 27.10 0.98 10.54
CA SER B 277 27.14 -0.17 9.65
C SER B 277 27.33 -1.42 10.48
N HIS B 278 26.99 -2.57 9.88
CA HIS B 278 27.19 -3.85 10.52
C HIS B 278 27.55 -4.87 9.46
N ASP B 279 28.40 -5.83 9.83
CA ASP B 279 28.86 -6.82 8.87
C ASP B 279 27.68 -7.61 8.29
N ASN B 280 26.70 -7.94 9.14
CA ASN B 280 25.54 -8.69 8.69
C ASN B 280 24.62 -7.88 7.80
N ILE B 281 24.80 -6.56 7.73
CA ILE B 281 23.98 -5.70 6.88
C ILE B 281 24.75 -5.48 5.58
N ILE B 282 24.17 -5.96 4.48
CA ILE B 282 24.75 -5.79 3.14
C ILE B 282 23.83 -5.03 2.21
N CYS B 283 22.56 -4.87 2.55
CA CYS B 283 21.58 -4.16 1.74
C CYS B 283 21.76 -2.65 1.88
N GLY B 284 21.27 -1.93 0.88
CA GLY B 284 21.30 -0.48 0.95
C GLY B 284 20.21 0.08 1.84
N ILE B 285 20.40 1.31 2.29
CA ILE B 285 19.44 2.00 3.13
C ILE B 285 18.49 2.80 2.24
N THR B 286 17.20 2.67 2.48
CA THR B 286 16.18 3.38 1.72
C THR B 286 15.67 4.63 2.41
N SER B 287 15.66 4.66 3.74
CA SER B 287 15.10 5.78 4.48
C SER B 287 15.85 5.90 5.81
N VAL B 288 15.83 7.11 6.36
CA VAL B 288 16.43 7.37 7.67
C VAL B 288 15.58 8.39 8.39
N SER B 289 15.57 8.31 9.72
CA SER B 289 14.87 9.28 10.53
C SER B 289 15.44 9.23 11.94
N PHE B 290 15.42 10.37 12.61
CA PHE B 290 15.84 10.46 14.00
C PHE B 290 14.63 10.42 14.91
N SER B 291 14.86 9.98 16.14
CA SER B 291 13.88 10.18 17.19
C SER B 291 13.87 11.65 17.62
N LYS B 292 12.90 12.01 18.45
CA LYS B 292 12.78 13.40 18.89
C LYS B 292 14.07 13.92 19.49
N SER B 293 14.65 13.16 20.43
CA SER B 293 15.90 13.58 21.05
C SER B 293 17.10 13.41 20.12
N GLY B 294 16.93 12.67 19.02
CA GLY B 294 18.02 12.41 18.11
C GLY B 294 18.93 11.27 18.54
N ARG B 295 18.65 10.63 19.67
CA ARG B 295 19.49 9.55 20.15
C ARG B 295 19.31 8.26 19.35
N LEU B 296 18.14 8.05 18.76
CA LEU B 296 17.89 6.87 17.93
C LEU B 296 17.87 7.31 16.48
N LEU B 297 18.62 6.60 15.65
CA LEU B 297 18.60 6.77 14.21
C LEU B 297 17.91 5.56 13.61
N LEU B 298 16.70 5.75 13.10
CA LEU B 298 15.93 4.68 12.49
C LEU B 298 16.20 4.71 10.99
N ALA B 299 16.57 3.57 10.43
CA ALA B 299 16.90 3.47 9.02
C ALA B 299 16.24 2.24 8.41
N GLY B 300 15.50 2.43 7.32
CA GLY B 300 14.93 1.32 6.60
C GLY B 300 15.89 0.75 5.58
N TYR B 301 15.71 -0.52 5.27
CA TYR B 301 16.67 -1.26 4.45
C TYR B 301 15.95 -2.05 3.37
N ASP B 302 16.69 -2.47 2.35
CA ASP B 302 16.10 -3.27 1.29
C ASP B 302 15.85 -4.69 1.77
N ASP B 303 16.14 -4.95 3.06
CA ASP B 303 16.00 -6.30 3.59
C ASP B 303 14.67 -6.53 4.30
N PHE B 304 13.63 -5.81 3.89
CA PHE B 304 12.31 -5.99 4.49
C PHE B 304 12.38 -5.85 6.00
N ASN B 305 13.21 -4.91 6.46
CA ASN B 305 13.35 -4.70 7.90
C ASN B 305 13.82 -3.28 8.15
N CYS B 306 14.01 -2.93 9.41
CA CYS B 306 14.51 -1.59 9.72
C CYS B 306 15.39 -1.66 10.96
N ASN B 307 16.45 -0.85 10.99
CA ASN B 307 17.36 -0.92 12.12
C ASN B 307 17.29 0.38 12.91
N VAL B 308 17.21 0.26 14.23
CA VAL B 308 17.25 1.38 15.15
C VAL B 308 18.65 1.40 15.74
N TRP B 309 19.43 2.41 15.36
CA TRP B 309 20.80 2.58 15.80
C TRP B 309 20.85 3.57 16.95
N ASP B 310 21.81 3.38 17.84
CA ASP B 310 22.15 4.40 18.82
C ASP B 310 22.97 5.47 18.09
N ALA B 311 22.36 6.63 17.84
CA ALA B 311 23.00 7.63 17.01
C ALA B 311 24.32 8.11 17.59
N LEU B 312 24.48 8.03 18.92
CA LEU B 312 25.70 8.51 19.57
C LEU B 312 26.76 7.44 19.72
N LYS B 313 26.37 6.16 19.85
CA LYS B 313 27.30 5.08 20.11
C LYS B 313 27.52 4.17 18.91
N ALA B 314 26.65 4.22 17.90
CA ALA B 314 26.74 3.45 16.67
C ALA B 314 26.33 2.00 16.85
N ASP B 315 25.84 1.60 18.02
CA ASP B 315 25.37 0.26 18.22
C ASP B 315 23.96 0.11 17.64
N ARG B 316 23.61 -1.13 17.29
CA ARG B 316 22.27 -1.44 16.78
C ARG B 316 21.34 -1.63 17.96
N ALA B 317 20.59 -0.58 18.31
CA ALA B 317 19.73 -0.62 19.48
C ALA B 317 18.55 -1.57 19.30
N GLY B 318 18.08 -1.78 18.09
CA GLY B 318 16.92 -2.63 17.91
C GLY B 318 16.59 -2.83 16.44
N VAL B 319 15.53 -3.60 16.22
CA VAL B 319 15.07 -3.95 14.88
C VAL B 319 13.55 -3.87 14.84
N LEU B 320 13.02 -3.36 13.74
CA LEU B 320 11.60 -3.41 13.41
C LEU B 320 11.49 -4.32 12.20
N ALA B 321 11.04 -5.55 12.43
CA ALA B 321 11.05 -6.61 11.42
C ALA B 321 9.66 -7.11 11.08
N GLY B 322 8.73 -6.22 10.77
CA GLY B 322 7.38 -6.63 10.45
C GLY B 322 6.94 -6.32 9.04
N HIS B 323 7.84 -6.42 8.06
CA HIS B 323 7.51 -6.12 6.68
C HIS B 323 7.93 -7.28 5.78
N ASP B 324 7.06 -7.60 4.84
CA ASP B 324 7.27 -8.71 3.92
C ASP B 324 8.00 -8.30 2.64
N ASN B 325 8.31 -7.01 2.48
CA ASN B 325 9.05 -6.54 1.33
C ASN B 325 9.93 -5.38 1.76
N ARG B 326 10.58 -4.75 0.80
CA ARG B 326 11.55 -3.70 1.10
C ARG B 326 10.90 -2.54 1.83
N VAL B 327 11.60 -2.00 2.83
CA VAL B 327 11.13 -0.83 3.56
C VAL B 327 11.48 0.40 2.74
N SER B 328 10.47 1.03 2.14
CA SER B 328 10.72 2.15 1.24
C SER B 328 10.84 3.46 1.99
N CYS B 329 9.99 3.68 2.99
CA CYS B 329 9.85 4.99 3.61
C CYS B 329 9.76 4.83 5.12
N LEU B 330 10.16 5.87 5.82
CA LEU B 330 10.24 5.84 7.28
C LEU B 330 10.09 7.26 7.80
N GLY B 331 9.30 7.42 8.85
CA GLY B 331 9.09 8.74 9.40
C GLY B 331 8.68 8.74 10.86
N VAL B 332 9.34 9.55 11.67
CA VAL B 332 9.02 9.69 13.09
C VAL B 332 8.13 10.91 13.27
N THR B 333 7.11 10.77 14.13
CA THR B 333 6.20 11.88 14.38
C THR B 333 6.94 13.06 15.02
N ASP B 334 6.38 14.25 14.86
CA ASP B 334 6.99 15.44 15.43
C ASP B 334 7.09 15.35 16.95
N ASP B 335 6.08 14.78 17.61
CA ASP B 335 6.13 14.59 19.04
C ASP B 335 6.90 13.34 19.44
N GLY B 336 7.37 12.56 18.47
CA GLY B 336 8.20 11.41 18.76
C GLY B 336 7.49 10.23 19.35
N MET B 337 6.16 10.18 19.25
CA MET B 337 5.42 9.08 19.88
C MET B 337 5.61 7.78 19.14
N ALA B 338 5.53 7.80 17.81
CA ALA B 338 5.58 6.57 17.02
C ALA B 338 6.47 6.78 15.82
N VAL B 339 6.77 5.69 15.11
CA VAL B 339 7.51 5.75 13.85
C VAL B 339 6.76 4.92 12.83
N ALA B 340 6.45 5.53 11.69
CA ALA B 340 5.79 4.83 10.60
C ALA B 340 6.83 4.31 9.61
N THR B 341 6.55 3.11 9.06
CA THR B 341 7.42 2.48 8.10
C THR B 341 6.61 1.93 6.96
N GLY B 342 6.72 2.51 5.78
CA GLY B 342 6.05 1.99 4.61
C GLY B 342 6.94 1.04 3.84
N SER B 343 6.31 0.16 3.07
CA SER B 343 7.04 -0.96 2.49
C SER B 343 6.49 -1.27 1.11
N TRP B 344 7.28 -2.01 0.34
CA TRP B 344 6.83 -2.52 -0.94
C TRP B 344 5.77 -3.61 -0.80
N ASP B 345 5.55 -4.10 0.42
CA ASP B 345 4.45 -5.04 0.66
C ASP B 345 3.09 -4.35 0.67
N SER B 346 3.04 -3.04 0.41
CA SER B 346 1.81 -2.25 0.31
C SER B 346 1.19 -1.95 1.66
N PHE B 347 1.96 -1.97 2.74
CA PHE B 347 1.43 -1.71 4.07
C PHE B 347 2.27 -0.66 4.77
N LEU B 348 1.69 -0.03 5.77
CA LEU B 348 2.38 0.91 6.56
C LEU B 348 2.19 0.43 7.97
N LYS B 349 3.22 0.35 8.76
CA LYS B 349 3.19 -0.10 10.15
C LYS B 349 3.67 1.02 11.04
N ILE B 350 2.90 1.31 12.08
CA ILE B 350 3.27 2.28 13.10
C ILE B 350 3.86 1.52 14.27
N TRP B 351 5.01 1.96 14.75
CA TRP B 351 5.75 1.27 15.77
C TRP B 351 5.93 2.17 16.99
N ASN B 352 5.84 1.55 18.16
CA ASN B 352 5.96 2.26 19.42
C ASN B 352 6.59 1.38 20.49
N VAL C 39 -20.59 26.33 -3.17
CA VAL C 39 -21.49 25.54 -2.28
C VAL C 39 -22.88 26.17 -2.26
N GLN C 40 -23.86 25.42 -2.77
CA GLN C 40 -25.23 25.88 -2.86
C GLN C 40 -26.15 24.73 -2.50
N LEU C 41 -27.04 24.96 -1.54
CA LEU C 41 -28.09 24.01 -1.19
C LEU C 41 -29.42 24.72 -1.32
N VAL C 42 -30.20 24.35 -2.33
CA VAL C 42 -31.47 25.01 -2.63
C VAL C 42 -32.58 24.02 -2.30
N GLU C 43 -33.38 24.33 -1.28
CA GLU C 43 -34.52 23.50 -0.96
C GLU C 43 -35.73 23.92 -1.78
N SER C 44 -36.56 22.92 -2.10
CA SER C 44 -37.75 23.11 -2.90
C SER C 44 -38.86 22.29 -2.28
N GLY C 45 -40.03 22.29 -2.91
CA GLY C 45 -41.18 21.65 -2.30
C GLY C 45 -41.73 22.51 -1.17
N GLY C 46 -42.45 21.88 -0.27
CA GLY C 46 -43.06 22.62 0.83
C GLY C 46 -44.39 23.24 0.43
N GLY C 47 -44.72 24.33 1.09
CA GLY C 47 -45.99 25.00 0.85
C GLY C 47 -47.05 24.62 1.88
N LEU C 48 -48.32 24.77 1.52
CA LEU C 48 -49.42 24.48 2.42
C LEU C 48 -49.91 23.05 2.18
N VAL C 49 -50.02 22.28 3.25
CA VAL C 49 -50.46 20.89 3.19
C VAL C 49 -51.54 20.68 4.24
N GLN C 50 -52.59 19.96 3.86
CA GLN C 50 -53.63 19.62 4.83
C GLN C 50 -53.10 18.56 5.80
N PRO C 51 -53.47 18.65 7.09
CA PRO C 51 -52.91 17.72 8.07
C PRO C 51 -53.23 16.27 7.71
N GLY C 52 -52.26 15.39 7.97
CA GLY C 52 -52.36 14.01 7.60
C GLY C 52 -51.94 13.69 6.18
N GLY C 53 -51.56 14.69 5.40
CA GLY C 53 -51.15 14.48 4.02
C GLY C 53 -49.67 14.15 3.92
N SER C 54 -49.20 14.15 2.68
CA SER C 54 -47.81 13.78 2.37
C SER C 54 -47.19 14.83 1.49
N ARG C 55 -45.87 15.01 1.60
CA ARG C 55 -45.16 16.00 0.81
C ARG C 55 -43.69 15.65 0.74
N LYS C 56 -43.09 15.85 -0.44
CA LYS C 56 -41.70 15.47 -0.69
C LYS C 56 -40.87 16.75 -0.83
N LEU C 57 -40.16 17.09 0.24
CA LEU C 57 -39.18 18.17 0.17
C LEU C 57 -37.94 17.70 -0.57
N SER C 58 -37.36 18.60 -1.36
CA SER C 58 -36.16 18.30 -2.14
C SER C 58 -35.09 19.32 -1.81
N CYS C 59 -33.84 18.93 -2.05
CA CYS C 59 -32.68 19.77 -1.79
C CYS C 59 -31.67 19.54 -2.89
N SER C 60 -31.58 20.47 -3.83
CA SER C 60 -30.61 20.40 -4.91
C SER C 60 -29.29 20.97 -4.42
N ALA C 61 -28.23 20.18 -4.54
CA ALA C 61 -26.89 20.55 -4.09
C ALA C 61 -25.99 20.78 -5.29
N SER C 62 -25.29 21.91 -5.28
CA SER C 62 -24.35 22.24 -6.34
C SER C 62 -23.10 22.84 -5.72
N GLY C 63 -22.01 22.81 -6.48
CA GLY C 63 -20.79 23.45 -6.04
C GLY C 63 -20.00 22.70 -5.01
N PHE C 64 -20.28 21.42 -4.79
CA PHE C 64 -19.46 20.62 -3.90
C PHE C 64 -19.76 19.15 -4.15
N ALA C 65 -18.86 18.29 -3.65
CA ALA C 65 -18.96 16.84 -3.82
C ALA C 65 -20.08 16.33 -2.91
N PHE C 66 -21.30 16.40 -3.42
CA PHE C 66 -22.46 16.01 -2.63
C PHE C 66 -22.33 14.58 -2.12
N SER C 67 -21.83 13.67 -2.96
CA SER C 67 -21.76 12.26 -2.59
C SER C 67 -20.94 12.04 -1.34
N SER C 68 -19.88 12.81 -1.13
CA SER C 68 -18.99 12.62 0.01
C SER C 68 -19.49 13.26 1.28
N PHE C 69 -20.61 13.99 1.22
CA PHE C 69 -21.16 14.69 2.38
C PHE C 69 -22.34 13.91 2.93
N GLY C 70 -22.36 13.73 4.25
CA GLY C 70 -23.59 13.42 4.92
C GLY C 70 -24.54 14.60 4.86
N MET C 71 -25.83 14.32 4.96
CA MET C 71 -26.86 15.35 4.85
C MET C 71 -27.79 15.27 6.04
N HIS C 72 -28.25 16.43 6.48
CA HIS C 72 -29.25 16.53 7.53
C HIS C 72 -30.39 17.42 7.07
N TRP C 73 -31.58 17.09 7.55
CA TRP C 73 -32.73 17.98 7.53
C TRP C 73 -32.91 18.49 8.95
N VAL C 74 -32.93 19.82 9.09
CA VAL C 74 -33.09 20.48 10.38
C VAL C 74 -34.25 21.45 10.28
N ARG C 75 -35.29 21.26 11.08
CA ARG C 75 -36.47 22.10 10.97
C ARG C 75 -36.50 23.21 12.02
N GLN C 76 -37.04 24.36 11.65
CA GLN C 76 -37.16 25.46 12.60
C GLN C 76 -38.59 25.96 12.61
N ALA C 77 -39.32 25.65 13.68
CA ALA C 77 -40.73 26.03 13.75
C ALA C 77 -40.85 27.56 13.82
N PRO C 78 -41.92 28.13 13.27
CA PRO C 78 -42.04 29.59 13.23
C PRO C 78 -41.83 30.22 14.61
N GLU C 79 -40.88 31.13 14.69
CA GLU C 79 -40.50 31.84 15.91
C GLU C 79 -39.99 30.90 16.99
N LYS C 80 -39.60 29.68 16.64
CA LYS C 80 -39.03 28.72 17.57
C LYS C 80 -37.61 28.37 17.15
N GLY C 81 -36.96 27.57 17.99
CA GLY C 81 -35.56 27.23 17.78
C GLY C 81 -35.37 26.11 16.78
N LEU C 82 -34.11 25.83 16.50
CA LEU C 82 -33.74 24.76 15.59
C LEU C 82 -33.99 23.41 16.23
N GLU C 83 -34.38 22.44 15.41
CA GLU C 83 -34.54 21.06 15.89
C GLU C 83 -34.17 20.11 14.76
N TRP C 84 -33.26 19.19 15.06
CA TRP C 84 -32.79 18.25 14.07
C TRP C 84 -33.90 17.28 13.69
N VAL C 85 -34.00 16.98 12.39
CA VAL C 85 -35.05 16.10 11.85
C VAL C 85 -34.46 14.77 11.41
N ALA C 86 -33.55 14.80 10.45
CA ALA C 86 -33.12 13.54 9.84
C ALA C 86 -31.68 13.65 9.38
N TYR C 87 -31.05 12.49 9.22
CA TYR C 87 -29.67 12.40 8.77
C TYR C 87 -29.51 11.20 7.86
N ILE C 88 -28.81 11.39 6.74
CA ILE C 88 -28.39 10.32 5.85
C ILE C 88 -26.90 10.47 5.60
N SER C 89 -26.13 9.43 5.91
CA SER C 89 -24.68 9.53 5.86
C SER C 89 -24.19 9.51 4.41
N SER C 90 -22.93 9.87 4.22
CA SER C 90 -22.30 9.70 2.92
C SER C 90 -22.37 8.24 2.49
N GLY C 91 -22.75 8.04 1.23
CA GLY C 91 -23.26 6.73 0.85
C GLY C 91 -24.76 6.77 0.99
N SER C 92 -25.33 5.74 1.60
CA SER C 92 -26.71 5.86 2.08
C SER C 92 -26.93 5.12 3.39
N GLY C 93 -25.88 4.56 3.99
CA GLY C 93 -26.01 3.89 5.26
C GLY C 93 -26.16 4.87 6.39
N THR C 94 -26.47 4.33 7.56
CA THR C 94 -26.60 5.13 8.78
C THR C 94 -27.59 6.28 8.58
N ILE C 95 -28.84 5.92 8.35
CA ILE C 95 -29.93 6.91 8.37
C ILE C 95 -30.47 7.03 9.79
N TYR C 96 -30.75 8.26 10.19
CA TYR C 96 -31.26 8.54 11.53
C TYR C 96 -32.44 9.49 11.42
N TYR C 97 -33.35 9.41 12.39
CA TYR C 97 -34.45 10.34 12.51
C TYR C 97 -34.62 10.75 13.95
N ALA C 98 -35.14 11.96 14.15
CA ALA C 98 -35.60 12.36 15.46
C ALA C 98 -36.85 11.55 15.84
N ASP C 99 -36.99 11.26 17.14
CA ASP C 99 -38.14 10.49 17.58
C ASP C 99 -39.44 11.15 17.15
N THR C 100 -39.45 12.48 17.02
CA THR C 100 -40.66 13.19 16.65
C THR C 100 -41.13 12.88 15.23
N VAL C 101 -40.28 12.28 14.41
CA VAL C 101 -40.62 12.00 13.01
C VAL C 101 -40.35 10.56 12.61
N LYS C 102 -39.84 9.73 13.50
CA LYS C 102 -39.57 8.34 13.13
C LYS C 102 -40.85 7.67 12.66
N GLY C 103 -40.76 6.97 11.53
CA GLY C 103 -41.90 6.32 10.93
C GLY C 103 -42.71 7.19 10.00
N ARG C 104 -42.74 8.51 10.21
CA ARG C 104 -43.50 9.41 9.36
C ARG C 104 -42.64 10.02 8.26
N PHE C 105 -41.42 10.42 8.59
CA PHE C 105 -40.50 11.02 7.64
C PHE C 105 -39.50 9.97 7.17
N THR C 106 -39.21 9.98 5.88
CA THR C 106 -38.16 9.12 5.32
C THR C 106 -37.21 9.98 4.51
N ILE C 107 -35.91 9.86 4.79
CA ILE C 107 -34.87 10.66 4.16
C ILE C 107 -34.14 9.79 3.16
N SER C 108 -33.93 10.32 1.95
CA SER C 108 -33.19 9.60 0.92
C SER C 108 -32.32 10.59 0.17
N ARG C 109 -31.50 10.06 -0.74
CA ARG C 109 -30.66 10.90 -1.57
C ARG C 109 -30.43 10.22 -2.91
N ASP C 110 -30.36 11.02 -3.96
CA ASP C 110 -29.94 10.56 -5.28
C ASP C 110 -28.66 11.33 -5.60
N ASP C 111 -27.54 10.63 -5.44
CA ASP C 111 -26.24 11.25 -5.70
C ASP C 111 -26.04 11.65 -7.16
N PRO C 112 -26.39 10.82 -8.15
CA PRO C 112 -26.16 11.23 -9.54
C PRO C 112 -26.81 12.56 -9.88
N LYS C 113 -27.99 12.85 -9.34
CA LYS C 113 -28.62 14.15 -9.51
C LYS C 113 -28.25 15.13 -8.40
N ASN C 114 -27.48 14.71 -7.41
CA ASN C 114 -27.06 15.58 -6.32
C ASN C 114 -28.26 16.17 -5.59
N THR C 115 -29.28 15.35 -5.30
CA THR C 115 -30.49 15.84 -4.67
C THR C 115 -30.83 15.01 -3.44
N LEU C 116 -31.00 15.68 -2.30
CA LEU C 116 -31.50 15.06 -1.08
C LEU C 116 -33.02 15.19 -1.03
N PHE C 117 -33.67 14.22 -0.39
CA PHE C 117 -35.12 14.14 -0.34
C PHE C 117 -35.60 13.84 1.06
N LEU C 118 -36.71 14.47 1.44
CA LEU C 118 -37.40 14.18 2.70
C LEU C 118 -38.87 13.98 2.36
N GLN C 119 -39.33 12.73 2.39
CA GLN C 119 -40.72 12.42 2.12
C GLN C 119 -41.47 12.35 3.44
N MET C 120 -42.57 13.09 3.53
CA MET C 120 -43.40 13.13 4.73
C MET C 120 -44.71 12.42 4.43
N THR C 121 -45.13 11.53 5.33
CA THR C 121 -46.27 10.65 5.10
C THR C 121 -47.58 11.21 5.65
N SER C 122 -47.64 11.48 6.96
CA SER C 122 -48.87 11.94 7.60
C SER C 122 -48.51 13.19 8.40
N LEU C 123 -48.58 14.34 7.73
CA LEU C 123 -48.10 15.58 8.33
C LEU C 123 -49.04 16.05 9.44
N ARG C 124 -48.46 16.81 10.37
CA ARG C 124 -49.16 17.31 11.54
C ARG C 124 -48.95 18.81 11.62
N SER C 125 -49.78 19.47 12.43
CA SER C 125 -49.57 20.89 12.70
C SER C 125 -48.18 21.13 13.28
N GLU C 126 -47.71 20.20 14.12
CA GLU C 126 -46.40 20.36 14.74
C GLU C 126 -45.28 20.29 13.71
N ASP C 127 -45.58 19.84 12.49
CA ASP C 127 -44.58 19.77 11.43
C ASP C 127 -44.46 21.07 10.66
N THR C 128 -45.16 22.13 11.01
CA THR C 128 -44.99 23.42 10.35
C THR C 128 -43.64 24.00 10.74
N ALA C 129 -42.80 24.29 9.74
CA ALA C 129 -41.47 24.80 10.02
C ALA C 129 -40.77 25.12 8.72
N MET C 130 -39.68 25.87 8.82
CA MET C 130 -38.74 26.02 7.73
C MET C 130 -37.73 24.88 7.83
N TYR C 131 -37.65 24.06 6.80
CA TYR C 131 -36.77 22.90 6.77
C TYR C 131 -35.48 23.30 6.06
N TYR C 132 -34.37 23.17 6.76
CA TYR C 132 -33.05 23.53 6.26
C TYR C 132 -32.29 22.28 5.86
N CYS C 133 -31.60 22.37 4.74
CA CYS C 133 -30.73 21.33 4.24
C CYS C 133 -29.31 21.64 4.69
N VAL C 134 -28.70 20.73 5.44
CA VAL C 134 -27.39 20.94 6.03
C VAL C 134 -26.44 19.86 5.52
N ARG C 135 -25.27 20.27 5.05
CA ARG C 135 -24.22 19.33 4.69
C ARG C 135 -23.29 19.14 5.87
N SER C 136 -22.77 17.92 6.01
CA SER C 136 -21.88 17.60 7.11
C SER C 136 -21.00 16.43 6.69
N ILE C 137 -19.70 16.68 6.59
CA ILE C 137 -18.72 15.67 6.21
C ILE C 137 -17.94 15.29 7.46
N TYR C 138 -17.81 14.00 7.70
CA TYR C 138 -17.25 13.49 8.95
C TYR C 138 -15.93 12.78 8.68
N TYR C 139 -14.84 13.39 9.15
CA TYR C 139 -13.54 12.75 9.21
C TYR C 139 -12.71 13.54 10.20
N TYR C 140 -11.58 12.98 10.60
CA TYR C 140 -10.74 13.65 11.58
C TYR C 140 -10.45 15.07 11.12
N GLY C 141 -10.70 16.04 12.00
CA GLY C 141 -10.46 17.43 11.71
C GLY C 141 -11.49 18.10 10.83
N SER C 142 -12.55 17.39 10.44
CA SER C 142 -13.57 17.99 9.60
C SER C 142 -14.45 18.93 10.41
N SER C 143 -15.28 19.69 9.69
CA SER C 143 -16.23 20.63 10.28
C SER C 143 -17.63 20.32 9.74
N PRO C 144 -18.39 19.44 10.39
CA PRO C 144 -19.74 19.17 9.92
C PRO C 144 -20.69 20.32 10.20
N PHE C 145 -21.84 20.28 9.54
CA PHE C 145 -22.85 21.32 9.63
C PHE C 145 -22.31 22.68 9.19
N ASP C 146 -21.33 22.66 8.28
CA ASP C 146 -20.65 23.87 7.88
C ASP C 146 -21.44 24.70 6.87
N PHE C 147 -22.46 24.14 6.23
CA PHE C 147 -23.24 24.87 5.26
C PHE C 147 -24.70 24.47 5.36
N TRP C 148 -25.58 25.47 5.39
CA TRP C 148 -27.02 25.27 5.47
C TRP C 148 -27.66 25.89 4.24
N GLY C 149 -28.65 25.21 3.69
CA GLY C 149 -29.41 25.78 2.59
C GLY C 149 -30.30 26.90 3.07
N GLN C 150 -30.86 27.63 2.11
CA GLN C 150 -31.77 28.72 2.44
C GLN C 150 -33.04 28.23 3.12
N GLY C 151 -33.41 26.98 2.94
CA GLY C 151 -34.56 26.40 3.61
C GLY C 151 -35.82 26.51 2.77
N THR C 152 -36.79 25.67 3.11
CA THR C 152 -38.10 25.68 2.46
C THR C 152 -39.18 25.67 3.52
N THR C 153 -40.19 26.52 3.35
CA THR C 153 -41.27 26.61 4.32
C THR C 153 -42.29 25.50 4.08
N LEU C 154 -42.72 24.87 5.16
CA LEU C 154 -43.80 23.88 5.13
C LEU C 154 -44.82 24.24 6.19
N THR C 155 -46.02 24.58 5.77
CA THR C 155 -47.11 24.90 6.69
C THR C 155 -48.17 23.81 6.58
N VAL C 156 -48.64 23.35 7.74
CA VAL C 156 -49.66 22.32 7.82
C VAL C 156 -50.94 22.96 8.34
N SER C 157 -52.00 22.89 7.55
CA SER C 157 -53.28 23.48 7.93
C SER C 157 -53.80 22.88 9.22
N SER C 173 -36.49 10.40 26.20
CA SER C 173 -36.10 11.13 27.40
C SER C 173 -34.60 10.98 27.65
N ALA C 174 -33.94 10.13 26.87
CA ALA C 174 -32.49 9.98 26.97
C ALA C 174 -31.74 11.02 26.15
N ASP C 175 -32.43 11.85 25.39
CA ASP C 175 -31.76 12.86 24.58
C ASP C 175 -31.06 13.88 25.48
N ILE C 176 -29.91 14.36 25.00
CA ILE C 176 -29.16 15.39 25.71
C ILE C 176 -29.93 16.70 25.59
N VAL C 177 -30.22 17.32 26.73
CA VAL C 177 -30.93 18.59 26.74
C VAL C 177 -29.92 19.72 26.71
N MET C 178 -30.10 20.65 25.78
CA MET C 178 -29.24 21.81 25.67
C MET C 178 -29.97 23.05 26.18
N THR C 179 -29.39 23.70 27.18
CA THR C 179 -30.02 24.84 27.83
C THR C 179 -29.15 26.07 27.63
N GLN C 180 -29.78 27.17 27.23
CA GLN C 180 -29.08 28.43 27.06
C GLN C 180 -29.59 29.43 28.09
N ALA C 181 -28.64 30.04 28.83
CA ALA C 181 -29.00 30.77 30.03
C ALA C 181 -29.98 31.90 29.73
N THR C 182 -29.70 32.70 28.70
CA THR C 182 -30.49 33.89 28.42
C THR C 182 -31.00 33.81 26.99
N SER C 183 -32.32 33.91 26.81
CA SER C 183 -32.89 33.88 25.48
C SER C 183 -32.64 35.17 24.71
N SER C 184 -32.32 36.26 25.41
CA SER C 184 -32.09 37.55 24.78
C SER C 184 -31.03 38.29 25.56
N VAL C 185 -30.14 38.96 24.85
CA VAL C 185 -29.05 39.72 25.48
C VAL C 185 -28.78 40.97 24.65
N PRO C 186 -29.47 42.08 24.90
CA PRO C 186 -29.13 43.32 24.20
C PRO C 186 -27.70 43.75 24.52
N VAL C 187 -27.01 44.23 23.50
CA VAL C 187 -25.60 44.61 23.62
C VAL C 187 -25.25 45.58 22.49
N THR C 188 -24.16 46.31 22.69
CA THR C 188 -23.75 47.34 21.76
C THR C 188 -22.50 46.91 20.99
N PRO C 189 -22.32 47.38 19.75
CA PRO C 189 -21.10 47.04 19.01
C PRO C 189 -19.85 47.49 19.74
N GLY C 190 -18.78 46.70 19.58
CA GLY C 190 -17.51 46.97 20.21
C GLY C 190 -17.33 46.34 21.56
N GLU C 191 -18.42 45.90 22.20
CA GLU C 191 -18.34 45.26 23.51
C GLU C 191 -18.13 43.76 23.36
N SER C 192 -17.47 43.16 24.35
CA SER C 192 -17.23 41.73 24.39
C SER C 192 -18.41 41.05 25.07
N VAL C 193 -19.19 40.31 24.31
CA VAL C 193 -20.38 39.66 24.87
C VAL C 193 -20.20 38.15 24.93
N SER C 194 -20.82 37.52 25.93
CA SER C 194 -20.68 36.07 26.09
C SER C 194 -22.01 35.33 26.09
N ILE C 195 -22.10 34.27 25.32
CA ILE C 195 -23.32 33.46 25.27
C ILE C 195 -23.01 32.11 25.91
N SER C 196 -23.97 31.61 26.69
CA SER C 196 -23.74 30.45 27.53
C SER C 196 -24.56 29.26 27.05
N CYS C 197 -24.03 28.07 27.29
CA CYS C 197 -24.70 26.82 27.00
C CYS C 197 -24.38 25.81 28.08
N ARG C 198 -25.35 24.95 28.37
CA ARG C 198 -25.21 23.86 29.32
C ARG C 198 -25.79 22.60 28.72
N SER C 199 -25.18 21.47 29.02
CA SER C 199 -25.59 20.17 28.51
C SER C 199 -25.95 19.27 29.67
N SER C 200 -27.13 18.64 29.61
CA SER C 200 -27.53 17.71 30.65
C SER C 200 -26.52 16.59 30.83
N LYS C 201 -25.85 16.19 29.75
CA LYS C 201 -24.81 15.17 29.80
C LYS C 201 -23.53 15.77 29.24
N SER C 202 -22.40 15.39 29.82
CA SER C 202 -21.12 15.89 29.33
C SER C 202 -20.95 15.55 27.85
N LEU C 203 -20.58 16.56 27.06
CA LEU C 203 -20.31 16.36 25.65
C LEU C 203 -18.84 16.04 25.38
N LEU C 204 -18.02 15.96 26.42
CA LEU C 204 -16.62 15.55 26.28
C LEU C 204 -16.60 14.03 26.11
N HIS C 205 -16.15 13.59 24.94
CA HIS C 205 -16.02 12.16 24.69
C HIS C 205 -14.69 11.65 25.23
N SER C 206 -14.58 10.33 25.35
CA SER C 206 -13.33 9.72 25.79
C SER C 206 -12.20 9.97 24.82
N ASN C 207 -12.49 10.34 23.57
CA ASN C 207 -11.44 10.62 22.60
C ASN C 207 -10.92 12.05 22.69
N GLY C 208 -11.40 12.84 23.65
CA GLY C 208 -10.91 14.18 23.86
C GLY C 208 -11.68 15.26 23.14
N ASN C 209 -12.64 14.90 22.28
CA ASN C 209 -13.45 15.88 21.56
C ASN C 209 -14.65 16.26 22.40
N THR C 210 -14.95 17.56 22.45
CA THR C 210 -16.19 18.04 23.04
C THR C 210 -17.12 18.46 21.90
N TYR C 211 -18.17 17.69 21.68
CA TYR C 211 -19.00 17.84 20.49
C TYR C 211 -20.07 18.93 20.70
N LEU C 212 -19.59 20.15 20.81
CA LEU C 212 -20.44 21.33 20.92
C LEU C 212 -20.26 22.20 19.70
N TYR C 213 -21.38 22.55 19.06
CA TYR C 213 -21.38 23.39 17.87
C TYR C 213 -22.17 24.67 18.17
N TRP C 214 -21.59 25.79 17.76
CA TRP C 214 -22.24 27.10 17.83
C TRP C 214 -22.56 27.57 16.43
N PHE C 215 -23.85 27.85 16.22
CA PHE C 215 -24.36 28.39 14.97
C PHE C 215 -24.93 29.78 15.20
N LEU C 216 -24.80 30.63 14.18
CA LEU C 216 -25.38 31.97 14.20
C LEU C 216 -26.39 32.05 13.06
N GLN C 217 -27.63 32.38 13.39
CA GLN C 217 -28.68 32.64 12.41
C GLN C 217 -29.00 34.13 12.45
N ARG C 218 -28.56 34.85 11.45
CA ARG C 218 -28.93 36.25 11.33
C ARG C 218 -30.37 36.36 10.84
N PRO C 219 -31.04 37.47 11.11
CA PRO C 219 -32.45 37.59 10.72
C PRO C 219 -32.65 37.35 9.23
N GLY C 220 -33.66 36.57 8.90
CA GLY C 220 -33.96 36.29 7.51
C GLY C 220 -32.91 35.49 6.78
N GLN C 221 -32.03 34.82 7.50
CA GLN C 221 -30.95 34.06 6.91
C GLN C 221 -30.88 32.67 7.54
N SER C 222 -30.28 31.74 6.82
CA SER C 222 -30.10 30.39 7.31
C SER C 222 -28.95 30.34 8.32
N PRO C 223 -28.98 29.40 9.27
CA PRO C 223 -27.91 29.34 10.27
C PRO C 223 -26.55 29.11 9.63
N GLN C 224 -25.52 29.70 10.23
CA GLN C 224 -24.15 29.53 9.81
C GLN C 224 -23.34 28.95 10.96
N LEU C 225 -22.49 27.99 10.65
CA LEU C 225 -21.63 27.39 11.66
C LEU C 225 -20.57 28.40 12.10
N LEU C 226 -20.44 28.57 13.41
CA LEU C 226 -19.41 29.41 14.01
C LEU C 226 -18.30 28.57 14.64
N ILE C 227 -18.65 27.66 15.52
CA ILE C 227 -17.70 26.76 16.16
C ILE C 227 -18.22 25.35 16.00
N TYR C 228 -17.33 24.37 15.82
CA TYR C 228 -17.78 23.00 15.61
C TYR C 228 -17.27 21.99 16.62
N ARG C 229 -16.29 22.30 17.46
CA ARG C 229 -15.95 21.34 18.52
C ARG C 229 -15.69 22.09 19.80
N MET C 230 -16.41 23.15 20.03
CA MET C 230 -16.36 23.97 21.23
C MET C 230 -15.16 24.92 21.22
N SER C 231 -14.22 24.72 20.31
CA SER C 231 -13.07 25.60 20.21
C SER C 231 -12.64 25.93 18.78
N ASN C 232 -12.99 25.09 17.80
CA ASN C 232 -12.49 25.26 16.44
C ASN C 232 -13.35 26.26 15.69
N LEU C 233 -12.75 27.38 15.31
CA LEU C 233 -13.46 28.39 14.54
C LEU C 233 -13.68 27.88 13.12
N ALA C 234 -14.92 28.05 12.64
CA ALA C 234 -15.25 27.60 11.30
C ALA C 234 -14.61 28.49 10.25
N SER C 235 -14.34 27.90 9.09
CA SER C 235 -13.72 28.64 8.01
C SER C 235 -14.62 29.79 7.56
N GLY C 236 -14.04 30.96 7.37
CA GLY C 236 -14.79 32.14 6.99
C GLY C 236 -15.44 32.88 8.13
N VAL C 237 -15.18 32.48 9.37
CA VAL C 237 -15.75 33.13 10.55
C VAL C 237 -14.67 33.99 11.19
N PRO C 238 -14.87 35.30 11.33
CA PRO C 238 -13.82 36.15 11.91
C PRO C 238 -13.33 35.63 13.25
N ASP C 239 -12.12 36.03 13.61
CA ASP C 239 -11.55 35.63 14.90
C ASP C 239 -12.30 36.25 16.07
N ARG C 240 -13.20 37.20 15.82
CA ARG C 240 -14.05 37.76 16.86
C ARG C 240 -14.70 36.68 17.71
N PHE C 241 -15.08 35.55 17.11
CA PHE C 241 -15.81 34.49 17.78
C PHE C 241 -14.82 33.49 18.35
N SER C 242 -14.99 33.17 19.64
CA SER C 242 -14.17 32.18 20.32
C SER C 242 -15.07 31.24 21.10
N GLY C 243 -14.68 29.98 21.20
CA GLY C 243 -15.44 28.99 21.94
C GLY C 243 -14.59 28.38 23.03
N SER C 244 -15.24 28.07 24.15
CA SER C 244 -14.56 27.34 25.22
C SER C 244 -15.60 26.58 26.02
N GLY C 245 -15.12 25.63 26.83
CA GLY C 245 -16.01 24.83 27.63
C GLY C 245 -15.26 23.96 28.60
N SER C 246 -15.96 23.57 29.65
CA SER C 246 -15.39 22.76 30.73
C SER C 246 -15.78 21.30 30.64
N GLY C 247 -16.43 20.88 29.55
CA GLY C 247 -16.92 19.53 29.39
C GLY C 247 -18.42 19.40 29.54
N THR C 248 -19.06 20.30 30.28
CA THR C 248 -20.52 20.33 30.40
C THR C 248 -21.11 21.73 30.31
N ALA C 249 -20.31 22.79 30.44
CA ALA C 249 -20.76 24.15 30.25
C ALA C 249 -19.82 24.83 29.26
N PHE C 250 -20.38 25.53 28.28
CA PHE C 250 -19.53 26.12 27.24
C PHE C 250 -19.92 27.56 26.95
N THR C 251 -18.94 28.35 26.51
CA THR C 251 -19.22 29.77 26.27
C THR C 251 -18.69 30.29 24.95
N LEU C 252 -19.53 31.00 24.20
CA LEU C 252 -19.13 31.60 22.95
C LEU C 252 -18.96 33.09 23.16
N THR C 253 -17.76 33.60 22.90
CA THR C 253 -17.42 35.00 23.17
C THR C 253 -17.23 35.72 21.85
N ILE C 254 -17.95 36.83 21.67
CA ILE C 254 -17.75 37.74 20.55
C ILE C 254 -17.06 38.96 21.13
N SER C 255 -15.79 39.14 20.79
CA SER C 255 -14.97 40.16 21.44
C SER C 255 -15.36 41.58 21.02
N ARG C 256 -15.69 41.78 19.74
CA ARG C 256 -15.83 43.11 19.16
C ARG C 256 -17.12 43.16 18.34
N LEU C 257 -18.22 42.76 18.97
CA LEU C 257 -19.50 42.59 18.30
C LEU C 257 -19.75 43.69 17.27
N GLU C 258 -20.30 43.29 16.13
CA GLU C 258 -20.61 44.19 15.03
C GLU C 258 -22.07 44.03 14.64
N ALA C 259 -22.50 44.84 13.68
CA ALA C 259 -23.87 44.75 13.20
C ALA C 259 -24.13 43.43 12.50
N GLU C 260 -23.11 42.86 11.86
CA GLU C 260 -23.25 41.58 11.18
C GLU C 260 -23.35 40.42 12.16
N ASP C 261 -23.05 40.64 13.44
CA ASP C 261 -23.14 39.60 14.47
C ASP C 261 -24.51 39.55 15.11
N VAL C 262 -25.47 40.35 14.65
CA VAL C 262 -26.79 40.39 15.26
C VAL C 262 -27.59 39.20 14.76
N GLY C 263 -28.11 38.40 15.69
CA GLY C 263 -28.91 37.25 15.34
C GLY C 263 -29.13 36.36 16.53
N VAL C 264 -29.59 35.15 16.25
CA VAL C 264 -29.84 34.14 17.27
C VAL C 264 -28.69 33.14 17.25
N TYR C 265 -28.11 32.89 18.41
CA TYR C 265 -27.00 31.95 18.54
C TYR C 265 -27.54 30.65 19.13
N TYR C 266 -27.36 29.56 18.39
CA TYR C 266 -27.85 28.25 18.77
C TYR C 266 -26.67 27.35 19.13
N CYS C 267 -26.84 26.58 20.20
CA CYS C 267 -25.90 25.52 20.52
C CYS C 267 -26.46 24.18 20.07
N MET C 268 -25.56 23.26 19.76
CA MET C 268 -25.94 21.93 19.30
C MET C 268 -24.95 20.92 19.85
N GLN C 269 -25.44 19.74 20.19
CA GLN C 269 -24.60 18.64 20.62
C GLN C 269 -24.51 17.63 19.49
N HIS C 270 -23.29 17.14 19.23
CA HIS C 270 -23.08 16.07 18.27
C HIS C 270 -22.52 14.82 18.95
N LEU C 271 -22.68 14.71 20.27
CA LEU C 271 -22.25 13.50 20.96
C LEU C 271 -23.11 12.31 20.55
N GLU C 272 -24.42 12.43 20.71
CA GLU C 272 -25.39 11.40 20.32
C GLU C 272 -26.29 11.97 19.24
N TYR C 273 -26.70 11.11 18.32
CA TYR C 273 -27.23 11.58 17.05
C TYR C 273 -28.57 12.30 17.10
N PRO C 274 -29.42 12.12 18.13
CA PRO C 274 -30.60 12.98 18.21
C PRO C 274 -30.28 14.46 18.03
N LEU C 275 -29.02 14.86 18.17
CA LEU C 275 -28.54 16.18 17.73
C LEU C 275 -29.46 17.29 18.25
N THR C 276 -29.62 17.36 19.56
CA THR C 276 -30.45 18.37 20.17
C THR C 276 -29.79 19.74 20.09
N PHE C 277 -30.55 20.73 19.63
CA PHE C 277 -30.13 22.11 19.66
C PHE C 277 -30.53 22.77 20.97
N GLY C 278 -30.00 23.97 21.21
CA GLY C 278 -30.48 24.82 22.27
C GLY C 278 -31.70 25.61 21.84
N ALA C 279 -32.27 26.34 22.80
CA ALA C 279 -33.43 27.17 22.51
C ALA C 279 -33.07 28.37 21.65
N GLY C 280 -31.83 28.84 21.71
CA GLY C 280 -31.41 29.99 20.94
C GLY C 280 -31.37 31.26 21.77
N THR C 281 -30.20 31.88 21.84
CA THR C 281 -30.00 33.13 22.59
C THR C 281 -29.98 34.27 21.58
N LYS C 282 -30.91 35.20 21.71
CA LYS C 282 -30.98 36.32 20.80
C LYS C 282 -29.96 37.39 21.18
N LEU C 283 -29.52 38.13 20.16
CA LEU C 283 -28.68 39.30 20.34
C LEU C 283 -29.28 40.43 19.54
N GLU C 284 -29.46 41.58 20.18
CA GLU C 284 -30.08 42.74 19.53
C GLU C 284 -29.34 44.00 19.96
N LEU C 285 -29.41 45.00 19.09
CA LEU C 285 -28.74 46.28 19.33
C LEU C 285 -29.70 47.43 19.06
N ALA D 6 34.60 25.28 -18.97
CA ALA D 6 33.48 26.23 -18.72
C ALA D 6 32.95 26.07 -17.29
N GLN D 7 32.68 24.82 -16.91
CA GLN D 7 32.22 24.55 -15.55
C GLN D 7 33.37 24.48 -14.56
N ALA D 8 34.62 24.46 -15.04
CA ALA D 8 35.76 24.39 -14.14
C ALA D 8 35.82 25.61 -13.23
N ARG D 9 35.55 26.79 -13.79
CA ARG D 9 35.57 28.02 -13.00
C ARG D 9 34.47 28.01 -11.93
N LYS D 10 33.25 27.59 -12.27
CA LYS D 10 32.20 27.52 -11.27
C LYS D 10 32.55 26.51 -10.18
N LEU D 11 33.10 25.37 -10.57
CA LEU D 11 33.51 24.37 -9.57
C LEU D 11 34.59 24.94 -8.65
N VAL D 12 35.57 25.64 -9.21
CA VAL D 12 36.65 26.20 -8.41
C VAL D 12 36.10 27.25 -7.44
N GLU D 13 35.22 28.12 -7.94
CA GLU D 13 34.63 29.14 -7.08
C GLU D 13 33.83 28.49 -5.96
N GLN D 14 33.09 27.43 -6.27
CA GLN D 14 32.32 26.73 -5.24
C GLN D 14 33.25 26.10 -4.20
N LEU D 15 34.33 25.50 -4.64
CA LEU D 15 35.28 24.91 -3.71
C LEU D 15 35.84 25.98 -2.80
N LYS D 16 36.26 27.10 -3.38
CA LYS D 16 36.83 28.20 -2.60
C LYS D 16 35.82 28.67 -1.56
N MET D 17 34.55 28.82 -1.95
CA MET D 17 33.53 29.25 -1.00
C MET D 17 33.36 28.22 0.12
N GLU D 18 33.39 26.94 -0.23
CA GLU D 18 33.23 25.89 0.78
C GLU D 18 34.44 25.84 1.72
N ALA D 19 35.62 26.22 1.23
CA ALA D 19 36.81 26.11 2.04
C ALA D 19 36.90 27.21 3.10
N ASN D 20 36.38 28.41 2.81
CA ASN D 20 36.54 29.53 3.72
C ASN D 20 35.60 29.50 4.91
N ILE D 21 34.70 28.52 5.01
CA ILE D 21 33.77 28.49 6.13
C ILE D 21 34.54 28.32 7.43
N ASP D 22 33.99 28.89 8.50
CA ASP D 22 34.62 28.76 9.81
C ASP D 22 34.55 27.30 10.27
N ARG D 23 35.56 26.91 11.06
CA ARG D 23 35.74 25.54 11.48
C ARG D 23 35.32 25.38 12.93
N ILE D 24 34.85 24.18 13.27
CA ILE D 24 34.51 23.82 14.64
C ILE D 24 35.10 22.45 14.93
N LYS D 25 35.67 22.30 16.13
CA LYS D 25 36.30 21.05 16.51
C LYS D 25 35.27 19.92 16.51
N VAL D 26 35.72 18.73 16.10
CA VAL D 26 34.84 17.58 16.15
C VAL D 26 34.48 17.25 17.59
N SER D 27 35.39 17.46 18.54
CA SER D 27 35.07 17.23 19.94
C SER D 27 33.92 18.13 20.39
N LYS D 28 33.95 19.41 19.99
CA LYS D 28 32.87 20.32 20.38
C LYS D 28 31.55 19.91 19.73
N ALA D 29 31.59 19.50 18.46
CA ALA D 29 30.36 19.07 17.79
C ALA D 29 29.77 17.83 18.46
N ALA D 30 30.63 16.86 18.77
CA ALA D 30 30.16 15.66 19.47
C ALA D 30 29.60 16.01 20.83
N ALA D 31 30.26 16.92 21.56
CA ALA D 31 29.74 17.35 22.86
C ALA D 31 28.38 18.00 22.72
N ASP D 32 28.20 18.82 21.68
CA ASP D 32 26.91 19.47 21.46
C ASP D 32 25.82 18.44 21.16
N LEU D 33 26.12 17.45 20.32
CA LEU D 33 25.14 16.41 20.03
C LEU D 33 24.78 15.62 21.28
N MET D 34 25.79 15.27 22.08
CA MET D 34 25.52 14.56 23.33
C MET D 34 24.69 15.41 24.27
N ALA D 35 24.99 16.69 24.37
CA ALA D 35 24.23 17.57 25.26
C ALA D 35 22.78 17.67 24.80
N TYR D 36 22.55 17.79 23.49
CA TYR D 36 21.18 17.85 23.01
C TYR D 36 20.43 16.56 23.30
N CYS D 37 21.06 15.40 23.04
CA CYS D 37 20.40 14.13 23.30
C CYS D 37 20.09 13.98 24.79
N GLU D 38 21.03 14.36 25.65
CA GLU D 38 20.80 14.26 27.10
C GLU D 38 19.68 15.20 27.53
N ALA D 39 19.67 16.43 26.99
CA ALA D 39 18.65 17.39 27.38
C ALA D 39 17.26 16.91 26.99
N HIS D 40 17.14 16.31 25.80
CA HIS D 40 15.84 15.89 25.29
C HIS D 40 15.58 14.41 25.47
N ALA D 41 16.43 13.69 26.19
CA ALA D 41 16.24 12.26 26.37
C ALA D 41 14.93 11.96 27.07
N LYS D 42 14.61 12.72 28.11
CA LYS D 42 13.39 12.48 28.87
C LYS D 42 12.14 12.75 28.03
N GLU D 43 12.24 13.64 27.06
CA GLU D 43 11.11 14.00 26.19
C GLU D 43 11.05 13.15 24.93
N ASP D 44 11.69 11.98 24.91
CA ASP D 44 11.72 11.12 23.74
C ASP D 44 10.87 9.88 24.00
N PRO D 45 9.63 9.83 23.51
CA PRO D 45 8.81 8.63 23.74
C PRO D 45 9.41 7.36 23.19
N LEU D 46 10.07 7.43 22.03
CA LEU D 46 10.60 6.24 21.40
C LEU D 46 11.82 5.72 22.13
N LEU D 47 12.55 6.60 22.81
CA LEU D 47 13.72 6.18 23.59
C LEU D 47 13.29 5.52 24.90
N THR D 48 12.61 6.28 25.75
CA THR D 48 12.08 5.76 27.01
C THR D 48 10.59 5.53 26.84
N PRO D 49 10.10 4.30 26.75
CA PRO D 49 8.68 4.09 26.50
C PRO D 49 7.83 4.78 27.57
N VAL D 50 6.80 5.48 27.11
CA VAL D 50 5.88 6.17 28.01
C VAL D 50 4.89 5.17 28.57
N PRO D 51 4.28 5.43 29.73
CA PRO D 51 3.21 4.56 30.20
C PRO D 51 2.08 4.46 29.18
N ALA D 52 1.51 3.26 29.07
CA ALA D 52 0.56 3.00 27.99
C ALA D 52 -0.66 3.90 28.05
N SER D 53 -0.95 4.51 29.20
CA SER D 53 -2.10 5.41 29.29
C SER D 53 -1.95 6.60 28.35
N GLU D 54 -0.77 7.21 28.29
CA GLU D 54 -0.54 8.37 27.43
C GLU D 54 -0.23 7.98 25.99
N ASN D 55 0.14 6.74 25.74
CA ASN D 55 0.47 6.30 24.40
C ASN D 55 -0.80 6.27 23.56
N PRO D 56 -0.95 7.15 22.55
CA PRO D 56 -2.19 7.14 21.76
C PRO D 56 -2.32 5.93 20.86
N PHE D 57 -1.31 5.08 20.76
CA PHE D 57 -1.36 3.88 19.94
C PHE D 57 -1.48 2.62 20.79
N ARG D 58 -2.02 2.73 22.00
CA ARG D 58 -2.24 1.59 22.87
C ARG D 58 -3.26 1.92 23.95
N ARG E 3 -28.51 -53.91 10.80
CA ARG E 3 -27.06 -53.86 10.89
C ARG E 3 -26.47 -55.25 10.68
N PRO E 4 -25.52 -55.41 9.77
CA PRO E 4 -25.01 -56.75 9.46
C PRO E 4 -24.28 -57.39 10.64
N GLU E 5 -24.32 -58.72 10.69
CA GLU E 5 -23.69 -59.44 11.78
C GLU E 5 -22.17 -59.32 11.75
N TRP E 6 -21.57 -59.34 10.56
CA TRP E 6 -20.11 -59.35 10.49
C TRP E 6 -19.48 -58.01 10.87
N TRP E 7 -20.22 -57.04 11.32
CA TRP E 7 -19.51 -55.82 11.61
C TRP E 7 -18.59 -56.22 12.68
N MET E 8 -17.51 -55.51 12.85
CA MET E 8 -16.49 -55.89 13.77
C MET E 8 -16.35 -54.62 14.54
N ASP E 9 -15.45 -54.56 15.47
CA ASP E 9 -15.45 -53.49 16.37
C ASP E 9 -15.29 -52.21 15.63
N TYR E 10 -14.18 -52.01 14.97
CA TYR E 10 -13.96 -50.69 14.36
C TYR E 10 -15.11 -50.32 13.43
N GLN E 11 -15.71 -51.31 12.78
CA GLN E 11 -16.79 -51.04 11.84
C GLN E 11 -17.98 -50.38 12.53
N LYS E 12 -18.19 -50.65 13.79
CA LYS E 12 -19.39 -50.14 14.40
C LYS E 12 -18.96 -48.83 14.74
N ARG E 13 -19.16 -47.85 13.86
CA ARG E 13 -18.63 -46.51 14.10
C ARG E 13 -19.05 -45.87 15.43
N TYR E 14 -20.32 -45.98 15.79
CA TYR E 14 -20.77 -45.37 16.98
C TYR E 14 -21.29 -46.39 17.95
N TYR F 24 -2.66 -61.43 14.12
CA TYR F 24 -3.00 -60.03 13.91
C TYR F 24 -2.47 -59.16 15.04
N LYS F 25 -1.37 -59.58 15.66
CA LYS F 25 -0.82 -58.84 16.79
C LYS F 25 0.48 -58.35 16.33
N GLN F 26 1.02 -58.99 15.32
CA GLN F 26 2.24 -58.49 14.78
C GLN F 26 1.74 -57.55 13.76
N THR F 27 0.86 -58.03 12.93
CA THR F 27 0.25 -57.20 11.90
C THR F 27 -0.12 -55.86 12.48
N LEU F 28 -0.50 -55.85 13.75
CA LEU F 28 -0.87 -54.59 14.40
C LEU F 28 0.34 -53.71 14.65
N SER F 29 1.54 -54.25 14.44
CA SER F 29 2.74 -53.44 14.60
C SER F 29 2.55 -52.11 13.90
N LEU F 30 1.76 -52.10 12.84
CA LEU F 30 1.49 -50.88 12.16
C LEU F 30 0.84 -49.89 13.04
N THR F 31 -0.01 -50.32 13.94
CA THR F 31 -0.76 -49.37 14.72
C THR F 31 0.25 -48.52 15.33
N VAL F 32 1.46 -48.95 15.23
CA VAL F 32 2.58 -48.19 15.76
C VAL F 32 3.24 -47.41 14.63
N LEU F 33 3.49 -48.08 13.52
CA LEU F 33 4.11 -47.42 12.38
C LEU F 33 3.27 -46.21 12.03
N THR F 34 1.96 -46.42 11.93
CA THR F 34 1.07 -45.32 11.64
C THR F 34 1.26 -44.21 12.67
N CYS F 35 1.47 -44.61 13.92
CA CYS F 35 1.65 -43.62 14.98
C CYS F 35 2.94 -42.85 14.75
N ILE F 36 3.99 -43.56 14.34
CA ILE F 36 5.27 -42.90 14.09
C ILE F 36 5.16 -41.92 12.95
N VAL F 37 4.58 -42.36 11.83
CA VAL F 37 4.44 -41.48 10.68
C VAL F 37 3.43 -40.39 10.98
N SER F 38 2.72 -40.53 12.08
CA SER F 38 1.75 -39.55 12.42
C SER F 38 2.43 -38.34 12.91
N LEU F 39 3.41 -38.50 13.75
CA LEU F 39 4.02 -37.34 14.33
C LEU F 39 4.76 -36.63 13.27
N VAL F 40 5.64 -37.33 12.60
CA VAL F 40 6.43 -36.67 11.64
C VAL F 40 5.45 -35.77 10.97
N GLY F 41 4.28 -36.29 10.67
CA GLY F 41 3.32 -35.49 9.95
C GLY F 41 2.69 -34.40 10.78
N LEU F 42 2.43 -34.67 12.05
CA LEU F 42 1.88 -33.65 12.94
C LEU F 42 2.85 -32.49 13.10
N THR F 43 4.13 -32.80 13.30
CA THR F 43 5.11 -31.73 13.41
C THR F 43 5.23 -30.96 12.11
N GLY F 44 5.25 -31.65 10.97
CA GLY F 44 5.30 -30.97 9.69
C GLY F 44 4.11 -30.05 9.48
N ASN F 45 2.91 -30.53 9.80
CA ASN F 45 1.71 -29.73 9.62
C ASN F 45 1.67 -28.56 10.59
N ALA F 46 2.33 -28.65 11.70
CA ALA F 46 2.26 -27.52 12.56
C ALA F 46 3.12 -26.44 12.03
N VAL F 47 4.21 -26.84 11.41
CA VAL F 47 5.13 -25.87 10.94
C VAL F 47 4.43 -25.12 9.91
N VAL F 48 3.71 -25.81 9.07
CA VAL F 48 3.10 -25.17 7.97
C VAL F 48 2.12 -24.24 8.51
N LEU F 49 1.37 -24.67 9.50
CA LEU F 49 0.31 -23.82 9.93
C LEU F 49 0.90 -22.52 10.32
N TRP F 50 1.99 -22.54 11.06
CA TRP F 50 2.56 -21.31 11.54
C TRP F 50 3.09 -20.57 10.40
N LEU F 51 4.07 -21.17 9.76
CA LEU F 51 4.71 -20.50 8.70
C LEU F 51 3.71 -19.79 7.84
N LEU F 52 2.52 -20.32 7.66
CA LEU F 52 1.61 -19.71 6.73
C LEU F 52 0.67 -18.84 7.46
N GLY F 53 0.78 -18.85 8.77
CA GLY F 53 -0.04 -17.93 9.54
C GLY F 53 0.65 -16.59 9.60
N CYS F 54 1.89 -16.56 9.11
CA CYS F 54 2.65 -15.32 9.10
C CYS F 54 3.14 -15.11 7.68
N ARG F 55 3.14 -16.16 6.88
CA ARG F 55 3.54 -16.04 5.49
C ARG F 55 2.46 -15.33 4.72
N MET F 56 2.77 -14.95 3.48
CA MET F 56 1.80 -14.24 2.66
C MET F 56 0.38 -14.72 2.85
N ARG F 57 0.16 -16.04 2.87
CA ARG F 57 -1.20 -16.54 2.93
C ARG F 57 -1.88 -15.70 1.93
N ARG F 58 -1.14 -15.30 0.93
CA ARG F 58 -1.72 -14.42 -0.04
C ARG F 58 -1.87 -15.26 -1.25
N ASN F 59 -0.80 -15.98 -1.57
CA ASN F 59 -0.84 -16.87 -2.70
C ASN F 59 -1.99 -17.80 -2.40
N ALA F 60 -2.96 -17.85 -3.31
CA ALA F 60 -4.09 -18.69 -3.06
C ALA F 60 -3.68 -20.11 -2.71
N PHE F 61 -2.68 -20.65 -3.35
CA PHE F 61 -2.29 -21.98 -3.11
C PHE F 61 -2.11 -22.03 -1.66
N SER F 62 -1.78 -20.91 -1.05
CA SER F 62 -1.48 -21.01 0.35
C SER F 62 -2.66 -20.82 1.27
N ILE F 63 -3.84 -20.62 0.75
CA ILE F 63 -4.99 -20.47 1.58
C ILE F 63 -5.64 -21.79 1.45
N TYR F 64 -5.02 -22.68 0.70
CA TYR F 64 -5.59 -23.97 0.47
C TYR F 64 -4.59 -24.82 1.11
N ILE F 65 -3.34 -24.46 1.14
CA ILE F 65 -2.45 -25.34 1.81
C ILE F 65 -2.53 -25.10 3.28
N LEU F 66 -2.86 -23.90 3.71
CA LEU F 66 -3.08 -23.67 5.13
C LEU F 66 -4.29 -24.45 5.63
N ASN F 67 -5.39 -24.42 4.88
CA ASN F 67 -6.54 -25.22 5.25
C ASN F 67 -6.21 -26.70 5.22
N LEU F 68 -5.46 -27.14 4.22
CA LEU F 68 -5.04 -28.53 4.16
C LEU F 68 -4.16 -28.90 5.35
N ALA F 69 -3.26 -28.00 5.75
CA ALA F 69 -2.42 -28.27 6.92
C ALA F 69 -3.25 -28.37 8.18
N ALA F 70 -4.25 -27.52 8.36
CA ALA F 70 -5.11 -27.63 9.53
C ALA F 70 -5.85 -28.96 9.53
N ALA F 71 -6.47 -29.31 8.39
CA ALA F 71 -7.20 -30.57 8.31
C ALA F 71 -6.29 -31.76 8.55
N ASP F 72 -5.10 -31.73 7.96
CA ASP F 72 -4.16 -32.84 8.11
C ASP F 72 -3.66 -32.94 9.54
N PHE F 73 -3.40 -31.80 10.18
CA PHE F 73 -2.98 -31.80 11.57
C PHE F 73 -4.04 -32.42 12.46
N LEU F 74 -5.30 -32.03 12.26
CA LEU F 74 -6.36 -32.56 13.11
C LEU F 74 -6.62 -34.03 12.82
N PHE F 75 -6.57 -34.43 11.55
CA PHE F 75 -6.71 -35.84 11.22
C PHE F 75 -5.59 -36.68 11.81
N LEU F 76 -4.36 -36.17 11.75
CA LEU F 76 -3.23 -36.90 12.30
C LEU F 76 -3.29 -36.98 13.81
N SER F 77 -3.78 -35.93 14.46
CA SER F 77 -3.99 -35.98 15.91
C SER F 77 -5.02 -37.04 16.26
N GLY F 78 -6.14 -37.06 15.53
CA GLY F 78 -7.14 -38.10 15.75
C GLY F 78 -6.57 -39.48 15.54
N ARG F 79 -5.79 -39.66 14.48
CA ARG F 79 -5.17 -40.95 14.20
C ARG F 79 -4.20 -41.35 15.30
N LEU F 80 -3.39 -40.42 15.78
CA LEU F 80 -2.42 -40.72 16.82
C LEU F 80 -3.11 -41.12 18.11
N ILE F 81 -4.16 -40.38 18.50
CA ILE F 81 -4.90 -40.75 19.71
C ILE F 81 -5.58 -42.10 19.52
N TYR F 82 -6.13 -42.36 18.34
CA TYR F 82 -6.74 -43.66 18.08
C TYR F 82 -5.73 -44.78 18.23
N SER F 83 -4.53 -44.61 17.67
CA SER F 83 -3.48 -45.62 17.79
C SER F 83 -3.08 -45.82 19.25
N LEU F 84 -2.90 -44.72 19.99
CA LEU F 84 -2.57 -44.83 21.40
C LEU F 84 -3.76 -45.28 22.24
N LEU F 85 -4.97 -45.24 21.68
CA LEU F 85 -6.15 -45.70 22.41
C LEU F 85 -6.04 -47.18 22.76
N SER F 86 -5.21 -47.90 22.02
CA SER F 86 -4.98 -49.32 22.29
C SER F 86 -4.53 -49.54 23.72
N SER F 95 -13.10 -41.34 23.15
CA SER F 95 -13.19 -42.33 22.08
C SER F 95 -14.40 -42.05 21.21
N LYS F 96 -15.49 -41.62 21.83
CA LYS F 96 -16.71 -41.30 21.08
C LYS F 96 -16.49 -40.16 20.10
N ILE F 97 -15.56 -39.26 20.40
CA ILE F 97 -15.31 -38.12 19.52
C ILE F 97 -14.20 -38.43 18.51
N LEU F 98 -13.43 -39.50 18.72
CA LEU F 98 -12.30 -39.78 17.85
C LEU F 98 -12.73 -40.01 16.41
N TYR F 99 -13.67 -40.95 16.18
CA TYR F 99 -14.02 -41.29 14.80
C TYR F 99 -14.67 -40.11 14.08
N PRO F 100 -15.67 -39.44 14.64
CA PRO F 100 -16.27 -38.31 13.90
C PRO F 100 -15.25 -37.24 13.51
N VAL F 101 -14.44 -36.79 14.47
CA VAL F 101 -13.46 -35.75 14.17
C VAL F 101 -12.43 -36.26 13.16
N MET F 102 -11.95 -37.50 13.35
CA MET F 102 -10.94 -38.02 12.43
C MET F 102 -11.49 -38.08 11.01
N MET F 103 -12.70 -38.61 10.84
CA MET F 103 -13.29 -38.68 9.51
C MET F 103 -13.50 -37.29 8.94
N PHE F 104 -14.06 -36.40 9.73
CA PHE F 104 -14.31 -35.04 9.27
C PHE F 104 -13.03 -34.39 8.76
N SER F 105 -11.92 -34.55 9.50
CA SER F 105 -10.64 -34.03 9.05
C SER F 105 -10.18 -34.74 7.78
N TYR F 106 -10.33 -36.06 7.72
CA TYR F 106 -9.95 -36.81 6.54
C TYR F 106 -10.63 -36.26 5.30
N PHE F 107 -11.94 -36.09 5.36
CA PHE F 107 -12.67 -35.64 4.18
C PHE F 107 -12.39 -34.18 3.85
N ALA F 108 -12.20 -33.33 4.87
CA ALA F 108 -11.81 -31.96 4.60
C ALA F 108 -10.47 -31.91 3.88
N GLY F 109 -9.49 -32.71 4.33
CA GLY F 109 -8.19 -32.72 3.69
C GLY F 109 -8.25 -33.24 2.26
N LEU F 110 -9.04 -34.28 2.03
CA LEU F 110 -9.20 -34.79 0.67
C LEU F 110 -9.85 -33.75 -0.23
N SER F 111 -10.87 -33.06 0.25
CA SER F 111 -11.51 -32.03 -0.56
C SER F 111 -10.56 -30.88 -0.84
N PHE F 112 -9.69 -30.55 0.13
CA PHE F 112 -8.72 -29.49 -0.09
C PHE F 112 -7.68 -29.90 -1.11
N LEU F 113 -7.28 -31.16 -1.11
CA LEU F 113 -6.38 -31.64 -2.16
C LEU F 113 -7.04 -31.55 -3.53
N SER F 114 -8.31 -31.95 -3.61
CA SER F 114 -9.02 -31.85 -4.88
C SER F 114 -9.14 -30.40 -5.33
N ALA F 115 -9.41 -29.49 -4.40
CA ALA F 115 -9.51 -28.08 -4.73
C ALA F 115 -8.16 -27.52 -5.19
N VAL F 116 -7.08 -27.94 -4.54
CA VAL F 116 -5.74 -27.51 -4.94
C VAL F 116 -5.47 -27.95 -6.37
N SER F 117 -5.78 -29.21 -6.68
CA SER F 117 -5.55 -29.72 -8.03
C SER F 117 -6.40 -28.96 -9.05
N THR F 118 -7.65 -28.69 -8.73
CA THR F 118 -8.57 -28.08 -9.69
C THR F 118 -8.32 -26.65 -9.84
N GLU F 119 -7.54 -26.08 -8.96
CA GLU F 119 -7.16 -24.74 -9.13
C GLU F 119 -5.92 -24.78 -9.97
N ARG F 120 -4.91 -25.55 -9.59
CA ARG F 120 -3.76 -25.68 -10.47
C ARG F 120 -4.19 -25.73 -11.92
N CYS F 121 -5.14 -26.62 -12.22
CA CYS F 121 -5.60 -26.77 -13.60
C CYS F 121 -6.19 -25.46 -14.12
N LEU F 122 -6.95 -24.75 -13.29
CA LEU F 122 -7.56 -23.51 -13.75
C LEU F 122 -6.53 -22.41 -13.92
N SER F 123 -5.48 -22.40 -13.09
CA SER F 123 -4.45 -21.39 -13.21
C SER F 123 -3.57 -21.63 -14.43
N VAL F 124 -3.47 -22.88 -14.89
CA VAL F 124 -2.75 -23.17 -16.13
C VAL F 124 -3.63 -22.98 -17.35
N LEU F 125 -4.91 -23.34 -17.27
CA LEU F 125 -5.79 -23.25 -18.42
C LEU F 125 -6.20 -21.81 -18.70
N TRP F 126 -6.46 -21.03 -17.65
CA TRP F 126 -6.86 -19.63 -17.77
C TRP F 126 -5.90 -18.80 -16.93
N PRO F 127 -4.63 -18.71 -17.34
CA PRO F 127 -3.67 -17.96 -16.52
C PRO F 127 -4.05 -16.50 -16.32
N ILE F 128 -4.58 -15.86 -17.36
CA ILE F 128 -5.01 -14.46 -17.21
C ILE F 128 -6.14 -14.35 -16.21
N TRP F 129 -7.14 -15.22 -16.33
CA TRP F 129 -8.24 -15.19 -15.38
C TRP F 129 -7.76 -15.47 -13.97
N TYR F 130 -6.89 -16.48 -13.81
CA TYR F 130 -6.44 -16.84 -12.48
C TYR F 130 -5.66 -15.71 -11.82
N ARG F 131 -4.80 -15.04 -12.59
CA ARG F 131 -3.95 -13.99 -12.02
C ARG F 131 -4.67 -12.66 -11.88
N CYS F 132 -5.69 -12.39 -12.69
CA CYS F 132 -6.23 -11.05 -12.81
C CYS F 132 -7.69 -10.94 -12.43
N HIS F 133 -8.54 -11.86 -12.85
CA HIS F 133 -9.97 -11.78 -12.60
C HIS F 133 -10.46 -12.70 -11.49
N ARG F 134 -9.60 -13.55 -10.95
CA ARG F 134 -10.04 -14.46 -9.91
C ARG F 134 -10.28 -13.69 -8.62
N PRO F 135 -11.51 -13.82 -8.06
CA PRO F 135 -11.81 -13.16 -6.80
C PRO F 135 -10.76 -13.48 -5.84
N THR F 136 -10.35 -12.53 -5.02
CA THR F 136 -9.23 -12.78 -4.17
C THR F 136 -9.69 -13.39 -2.93
N HIS F 137 -10.90 -13.88 -2.96
CA HIS F 137 -11.46 -14.49 -1.80
C HIS F 137 -11.81 -15.94 -2.06
N LEU F 138 -11.97 -16.31 -3.31
CA LEU F 138 -12.42 -17.66 -3.60
C LEU F 138 -11.63 -18.67 -2.86
N SER F 139 -10.42 -18.37 -2.45
CA SER F 139 -9.73 -19.34 -1.68
C SER F 139 -10.56 -19.68 -0.52
N ALA F 140 -10.89 -18.69 0.27
CA ALA F 140 -11.63 -18.95 1.47
C ALA F 140 -13.04 -19.37 1.20
N VAL F 141 -13.72 -18.69 0.33
CA VAL F 141 -15.06 -19.05 0.08
C VAL F 141 -15.03 -20.51 -0.18
N VAL F 142 -13.96 -21.02 -0.76
CA VAL F 142 -13.98 -22.43 -1.12
C VAL F 142 -13.55 -23.28 0.08
N CYS F 143 -12.55 -22.82 0.83
CA CYS F 143 -12.07 -23.61 1.96
C CYS F 143 -13.14 -23.73 3.04
N VAL F 144 -13.83 -22.64 3.36
CA VAL F 144 -14.88 -22.71 4.36
C VAL F 144 -16.05 -23.52 3.85
N LEU F 145 -16.37 -23.41 2.56
CA LEU F 145 -17.46 -24.19 2.00
C LEU F 145 -17.16 -25.69 2.07
N LEU F 146 -15.91 -26.07 1.80
CA LEU F 146 -15.52 -27.47 1.88
C LEU F 146 -15.47 -27.95 3.33
N TRP F 147 -15.03 -27.09 4.24
CA TRP F 147 -15.13 -27.41 5.66
C TRP F 147 -16.58 -27.70 6.05
N ALA F 148 -17.50 -26.86 5.58
CA ALA F 148 -18.92 -27.06 5.86
C ALA F 148 -19.43 -28.36 5.23
N LEU F 149 -18.96 -28.67 4.01
CA LEU F 149 -19.38 -29.92 3.39
C LEU F 149 -18.91 -31.13 4.20
N SER F 150 -17.66 -31.10 4.66
CA SER F 150 -17.16 -32.19 5.48
C SER F 150 -17.94 -32.30 6.78
N LEU F 151 -18.24 -31.16 7.41
CA LEU F 151 -19.03 -31.17 8.63
C LEU F 151 -20.43 -31.71 8.40
N LEU F 152 -21.06 -31.31 7.28
CA LEU F 152 -22.39 -31.80 6.96
C LEU F 152 -22.36 -33.32 6.75
N ARG F 153 -21.35 -33.81 6.03
CA ARG F 153 -21.24 -35.26 5.84
C ARG F 153 -21.08 -35.97 7.17
N SER F 154 -20.20 -35.45 8.04
CA SER F 154 -19.98 -36.11 9.32
C SER F 154 -21.24 -36.12 10.18
N ILE F 155 -21.94 -34.99 10.25
CA ILE F 155 -23.16 -34.91 11.05
C ILE F 155 -24.21 -35.85 10.48
N LEU F 156 -24.37 -35.84 9.17
CA LEU F 156 -25.35 -36.72 8.53
C LEU F 156 -25.06 -38.16 8.90
N GLU F 157 -23.81 -38.59 8.72
CA GLU F 157 -23.46 -39.97 9.01
C GLU F 157 -23.67 -40.27 10.49
N TRP F 158 -23.62 -39.24 11.32
CA TRP F 158 -23.90 -39.39 12.77
C TRP F 158 -25.34 -39.57 12.98
N MET F 159 -26.14 -38.92 12.14
CA MET F 159 -27.59 -39.00 12.28
C MET F 159 -28.12 -40.23 11.55
N LEU F 160 -27.58 -40.50 10.37
CA LEU F 160 -28.03 -41.65 9.59
C LEU F 160 -27.18 -42.87 9.90
N CYS F 173 -31.10 -48.28 4.38
CA CYS F 173 -31.04 -47.76 5.71
C CYS F 173 -30.01 -46.64 5.71
N GLN F 174 -28.73 -46.99 5.80
CA GLN F 174 -27.66 -46.01 5.71
C GLN F 174 -27.04 -46.15 4.34
N THR F 175 -27.36 -45.22 3.43
CA THR F 175 -26.78 -45.20 2.11
C THR F 175 -25.86 -44.04 2.18
N SER F 176 -25.81 -43.38 3.30
CA SER F 176 -24.94 -42.28 3.58
C SER F 176 -23.65 -42.77 3.17
N ASP F 177 -23.32 -43.98 3.61
CA ASP F 177 -22.02 -44.53 3.30
C ASP F 177 -21.82 -44.62 1.80
N PHE F 178 -22.88 -44.91 1.05
CA PHE F 178 -22.65 -45.03 -0.36
C PHE F 178 -22.64 -43.68 -1.00
N ILE F 179 -23.24 -42.70 -0.35
CA ILE F 179 -23.11 -41.38 -0.89
C ILE F 179 -21.68 -40.99 -0.65
N THR F 180 -21.18 -41.20 0.54
CA THR F 180 -19.81 -40.90 0.81
C THR F 180 -18.97 -41.51 -0.23
N VAL F 181 -18.99 -42.81 -0.33
CA VAL F 181 -18.08 -43.44 -1.29
C VAL F 181 -18.17 -42.74 -2.63
N ALA F 182 -19.40 -42.35 -3.02
CA ALA F 182 -19.56 -41.59 -4.26
C ALA F 182 -18.85 -40.25 -4.17
N TRP F 183 -18.88 -39.62 -3.00
CA TRP F 183 -18.17 -38.36 -2.80
C TRP F 183 -16.67 -38.55 -2.92
N LEU F 184 -16.14 -39.64 -2.37
CA LEU F 184 -14.72 -39.93 -2.53
C LEU F 184 -14.37 -40.17 -3.98
N ILE F 185 -15.21 -40.91 -4.71
CA ILE F 185 -14.97 -41.12 -6.13
C ILE F 185 -15.03 -39.80 -6.89
N PHE F 186 -15.94 -38.91 -6.49
CA PHE F 186 -16.03 -37.61 -7.14
C PHE F 186 -14.77 -36.79 -6.88
N LEU F 187 -14.27 -36.79 -5.65
CA LEU F 187 -13.04 -36.09 -5.36
C LEU F 187 -11.87 -36.66 -6.14
N CYS F 188 -11.79 -37.98 -6.24
CA CYS F 188 -10.76 -38.64 -7.04
C CYS F 188 -10.85 -38.27 -8.50
N VAL F 189 -12.04 -38.32 -9.10
CA VAL F 189 -12.15 -37.99 -10.52
C VAL F 189 -11.86 -36.51 -10.72
N VAL F 190 -12.28 -35.65 -9.81
CA VAL F 190 -11.97 -34.23 -9.93
C VAL F 190 -10.47 -34.00 -9.91
N LEU F 191 -9.78 -34.57 -8.91
CA LEU F 191 -8.34 -34.36 -8.79
C LEU F 191 -7.60 -34.94 -10.00
N CYS F 192 -7.88 -36.18 -10.36
CA CYS F 192 -7.20 -36.81 -11.47
C CYS F 192 -7.52 -36.13 -12.80
N GLY F 193 -8.79 -35.76 -13.02
CA GLY F 193 -9.14 -35.08 -14.25
C GLY F 193 -8.53 -33.70 -14.36
N SER F 194 -8.48 -32.95 -13.26
CA SER F 194 -7.82 -31.66 -13.28
C SER F 194 -6.33 -31.81 -13.57
N SER F 195 -5.67 -32.77 -12.93
CA SER F 195 -4.26 -32.98 -13.18
C SER F 195 -4.01 -33.42 -14.63
N LEU F 196 -4.87 -34.30 -15.14
CA LEU F 196 -4.72 -34.77 -16.52
C LEU F 196 -4.94 -33.64 -17.51
N VAL F 197 -5.95 -32.79 -17.27
CA VAL F 197 -6.20 -31.66 -18.15
C VAL F 197 -5.03 -30.69 -18.12
N LEU F 198 -4.48 -30.45 -16.93
CA LEU F 198 -3.31 -29.59 -16.83
C LEU F 198 -2.14 -30.16 -17.61
N LEU F 199 -1.91 -31.47 -17.50
CA LEU F 199 -0.82 -32.10 -18.24
C LEU F 199 -1.05 -32.01 -19.75
N ILE F 200 -2.30 -32.21 -20.18
CA ILE F 200 -2.62 -32.12 -21.61
C ILE F 200 -2.36 -30.71 -22.11
N ARG F 201 -2.76 -29.70 -21.33
CA ARG F 201 -2.51 -28.32 -21.72
C ARG F 201 -1.02 -28.05 -21.81
N ILE F 202 -0.24 -28.51 -20.84
CA ILE F 202 1.17 -28.17 -20.86
C ILE F 202 1.93 -28.95 -21.92
N LEU F 203 1.78 -30.27 -21.91
CA LEU F 203 2.52 -31.11 -22.86
C LEU F 203 2.18 -30.76 -24.29
N CYS F 204 0.94 -31.04 -24.69
CA CYS F 204 0.53 -30.76 -26.05
C CYS F 204 0.88 -29.33 -26.43
N GLY F 205 0.74 -28.42 -25.50
CA GLY F 205 0.99 -27.03 -25.82
C GLY F 205 2.30 -26.86 -26.52
N SER F 206 2.31 -26.02 -27.55
CA SER F 206 3.54 -25.78 -28.30
C SER F 206 4.43 -24.86 -27.51
N ARG F 207 5.00 -25.39 -26.43
CA ARG F 207 5.86 -24.58 -25.59
C ARG F 207 7.11 -25.35 -25.25
N LYS F 208 8.19 -24.64 -25.03
CA LYS F 208 9.41 -25.31 -24.72
C LYS F 208 9.94 -24.72 -23.47
N ILE F 209 9.83 -25.46 -22.39
CA ILE F 209 10.28 -24.96 -21.13
C ILE F 209 10.57 -26.14 -20.25
N PRO F 210 11.55 -26.00 -19.37
CA PRO F 210 11.75 -27.08 -18.42
C PRO F 210 10.41 -27.57 -17.93
N LEU F 211 10.18 -28.88 -17.98
CA LEU F 211 8.89 -29.38 -17.61
C LEU F 211 9.06 -30.62 -16.78
N THR F 212 10.27 -30.97 -16.40
CA THR F 212 10.34 -32.19 -15.60
C THR F 212 9.77 -31.96 -14.21
N ARG F 213 9.98 -30.77 -13.65
CA ARG F 213 9.41 -30.46 -12.33
C ARG F 213 7.89 -30.55 -12.36
N LEU F 214 7.27 -30.02 -13.41
CA LEU F 214 5.81 -30.07 -13.51
C LEU F 214 5.32 -31.52 -13.49
N TYR F 215 5.93 -32.36 -14.33
CA TYR F 215 5.50 -33.76 -14.40
C TYR F 215 5.70 -34.45 -13.06
N VAL F 216 6.87 -34.25 -12.45
CA VAL F 216 7.16 -34.91 -11.18
C VAL F 216 6.15 -34.49 -10.14
N THR F 217 5.92 -33.19 -9.99
CA THR F 217 5.01 -32.71 -8.97
C THR F 217 3.59 -33.21 -9.21
N ILE F 218 3.12 -33.13 -10.45
CA ILE F 218 1.75 -33.52 -10.73
C ILE F 218 1.55 -35.01 -10.48
N LEU F 219 2.45 -35.84 -11.02
CA LEU F 219 2.31 -37.28 -10.84
C LEU F 219 2.47 -37.69 -9.39
N LEU F 220 3.40 -37.06 -8.66
CA LEU F 220 3.56 -37.37 -7.25
C LEU F 220 2.30 -37.01 -6.47
N THR F 221 1.74 -35.84 -6.74
CA THR F 221 0.50 -35.43 -6.09
C THR F 221 -0.62 -36.42 -6.35
N VAL F 222 -0.82 -36.77 -7.63
CA VAL F 222 -1.92 -37.66 -7.98
C VAL F 222 -1.71 -39.03 -7.34
N LEU F 223 -0.47 -39.54 -7.39
CA LEU F 223 -0.20 -40.86 -6.85
C LEU F 223 -0.36 -40.90 -5.33
N VAL F 224 0.14 -39.86 -4.63
CA VAL F 224 0.00 -39.83 -3.18
C VAL F 224 -1.47 -39.77 -2.80
N PHE F 225 -2.24 -38.94 -3.51
CA PHE F 225 -3.66 -38.84 -3.20
C PHE F 225 -4.37 -40.17 -3.48
N LEU F 226 -4.02 -40.83 -4.59
CA LEU F 226 -4.74 -42.03 -5.02
C LEU F 226 -4.38 -43.25 -4.20
N LEU F 227 -3.12 -43.40 -3.80
CA LEU F 227 -2.65 -44.61 -3.14
C LEU F 227 -2.38 -44.43 -1.66
N CYS F 228 -2.54 -43.23 -1.13
CA CYS F 228 -2.35 -43.02 0.30
C CYS F 228 -3.56 -42.34 0.93
N GLY F 229 -4.16 -41.39 0.21
CA GLY F 229 -5.30 -40.68 0.74
C GLY F 229 -6.61 -41.42 0.63
N LEU F 230 -7.04 -41.67 -0.61
CA LEU F 230 -8.35 -42.25 -0.89
C LEU F 230 -8.56 -43.63 -0.29
N PRO F 231 -7.57 -44.53 -0.35
CA PRO F 231 -7.84 -45.94 0.00
C PRO F 231 -8.50 -46.11 1.35
N PHE F 232 -8.12 -45.34 2.36
CA PHE F 232 -8.70 -45.53 3.68
C PHE F 232 -10.20 -45.33 3.65
N GLY F 233 -10.65 -44.19 3.16
CA GLY F 233 -12.07 -43.90 3.12
C GLY F 233 -12.80 -44.88 2.23
N ILE F 234 -12.23 -45.13 1.05
CA ILE F 234 -12.91 -45.99 0.08
C ILE F 234 -13.13 -47.37 0.68
N GLN F 235 -12.07 -47.99 1.20
CA GLN F 235 -12.22 -49.33 1.76
C GLN F 235 -13.14 -49.33 2.97
N PHE F 236 -12.96 -48.37 3.88
CA PHE F 236 -13.74 -48.38 5.11
C PHE F 236 -15.22 -48.31 4.82
N PHE F 237 -15.61 -47.45 3.87
CA PHE F 237 -17.04 -47.31 3.59
C PHE F 237 -17.56 -48.40 2.66
N LEU F 238 -16.72 -48.91 1.76
CA LEU F 238 -17.16 -49.94 0.82
C LEU F 238 -17.35 -51.27 1.52
N PHE F 239 -16.26 -51.82 2.08
CA PHE F 239 -16.32 -53.14 2.70
C PHE F 239 -17.03 -53.12 4.05
N LEU F 240 -17.66 -52.00 4.41
CA LEU F 240 -18.59 -51.97 5.50
C LEU F 240 -19.93 -52.61 5.16
N TRP F 241 -20.22 -52.80 3.87
CA TRP F 241 -21.39 -53.52 3.40
C TRP F 241 -21.05 -54.65 2.45
N ILE F 242 -19.94 -54.54 1.72
CA ILE F 242 -19.48 -55.64 0.87
C ILE F 242 -18.75 -56.64 1.76
N HIS F 243 -19.37 -57.79 2.00
CA HIS F 243 -18.80 -58.76 2.92
C HIS F 243 -17.50 -59.34 2.36
N VAL F 244 -16.45 -59.27 3.17
CA VAL F 244 -15.16 -59.87 2.82
C VAL F 244 -14.55 -60.43 4.10
N ASP F 245 -13.62 -61.36 3.95
CA ASP F 245 -13.05 -62.07 5.08
C ASP F 245 -12.52 -61.07 6.11
N ARG F 246 -12.84 -61.32 7.38
CA ARG F 246 -12.48 -60.39 8.43
C ARG F 246 -10.96 -60.21 8.51
N GLU F 247 -10.22 -61.31 8.42
CA GLU F 247 -8.77 -61.25 8.59
C GLU F 247 -8.13 -60.37 7.54
N VAL F 248 -8.45 -60.60 6.27
CA VAL F 248 -7.84 -59.83 5.19
C VAL F 248 -8.22 -58.36 5.30
N LEU F 249 -9.50 -58.10 5.59
CA LEU F 249 -9.97 -56.72 5.66
C LEU F 249 -9.26 -55.96 6.78
N PHE F 250 -9.25 -56.50 7.99
CA PHE F 250 -8.66 -55.77 9.10
C PHE F 250 -7.15 -55.71 8.97
N CYS F 251 -6.51 -56.84 8.65
CA CYS F 251 -5.05 -56.89 8.66
C CYS F 251 -4.46 -56.17 7.46
N HIS F 252 -5.02 -56.37 6.27
CA HIS F 252 -4.43 -55.85 5.04
C HIS F 252 -5.18 -54.67 4.46
N VAL F 253 -6.52 -54.69 4.50
CA VAL F 253 -7.30 -53.64 3.85
C VAL F 253 -7.64 -52.49 4.80
N HIS F 254 -7.51 -52.67 6.10
CA HIS F 254 -7.86 -51.63 7.04
C HIS F 254 -6.65 -50.97 7.71
N LEU F 255 -5.78 -51.76 8.33
CA LEU F 255 -4.58 -51.20 8.94
C LEU F 255 -3.65 -50.58 7.91
N VAL F 256 -3.45 -51.24 6.77
CA VAL F 256 -2.62 -50.66 5.71
C VAL F 256 -3.26 -49.38 5.18
N SER F 257 -4.58 -49.36 5.05
CA SER F 257 -5.25 -48.14 4.63
C SER F 257 -5.05 -47.03 5.65
N ILE F 258 -5.12 -47.36 6.93
CA ILE F 258 -4.93 -46.35 7.97
C ILE F 258 -3.52 -45.77 7.89
N PHE F 259 -2.51 -46.66 7.77
CA PHE F 259 -1.14 -46.18 7.66
C PHE F 259 -0.95 -45.34 6.40
N LEU F 260 -1.56 -45.75 5.29
CA LEU F 260 -1.44 -44.99 4.04
C LEU F 260 -2.08 -43.61 4.19
N SER F 261 -3.23 -43.53 4.84
CA SER F 261 -3.89 -42.24 5.04
C SER F 261 -3.03 -41.33 5.92
N ALA F 262 -2.45 -41.88 6.98
CA ALA F 262 -1.53 -41.09 7.79
C ALA F 262 -0.31 -40.65 6.99
N LEU F 263 0.24 -41.51 6.14
CA LEU F 263 1.35 -41.14 5.28
C LEU F 263 0.98 -40.02 4.34
N ASN F 264 -0.23 -40.07 3.76
CA ASN F 264 -0.67 -39.00 2.88
C ASN F 264 -0.79 -37.69 3.64
N SER F 265 -1.38 -37.72 4.84
CA SER F 265 -1.51 -36.50 5.62
C SER F 265 -0.15 -35.94 6.02
N SER F 266 0.83 -36.81 6.28
CA SER F 266 2.16 -36.36 6.63
C SER F 266 2.93 -35.83 5.43
N ALA F 267 2.79 -36.46 4.27
CA ALA F 267 3.49 -36.04 3.06
C ALA F 267 2.88 -34.81 2.41
N ASN F 268 1.63 -34.49 2.73
CA ASN F 268 1.05 -33.27 2.18
C ASN F 268 1.86 -32.03 2.52
N PRO F 269 2.27 -31.79 3.77
CA PRO F 269 3.10 -30.62 4.06
C PRO F 269 4.38 -30.57 3.23
N ILE F 270 5.05 -31.71 3.07
CA ILE F 270 6.27 -31.75 2.27
C ILE F 270 5.95 -31.58 0.79
N ILE F 271 4.93 -32.28 0.31
CA ILE F 271 4.64 -32.27 -1.13
C ILE F 271 4.23 -30.89 -1.60
N TYR F 272 3.46 -30.17 -0.78
CA TYR F 272 2.82 -28.95 -1.23
C TYR F 272 3.49 -27.67 -0.75
N PHE F 273 4.14 -27.68 0.41
CA PHE F 273 4.69 -26.45 0.96
C PHE F 273 6.21 -26.47 1.03
N PHE F 274 6.77 -27.50 1.66
CA PHE F 274 8.19 -27.49 1.98
C PHE F 274 9.05 -27.62 0.73
N VAL F 275 8.63 -28.40 -0.22
CA VAL F 275 9.39 -28.48 -1.43
C VAL F 275 9.54 -27.10 -1.94
N GLY F 276 8.48 -26.35 -1.87
CA GLY F 276 8.52 -25.03 -2.41
C GLY F 276 9.55 -24.20 -1.71
N SER F 277 9.49 -24.15 -0.41
CA SER F 277 10.39 -23.27 0.31
C SER F 277 11.81 -23.65 0.02
N PHE F 278 12.17 -24.89 0.26
CA PHE F 278 13.50 -25.32 -0.02
C PHE F 278 13.56 -25.64 -1.48
N ARG F 279 13.09 -24.72 -2.30
CA ARG F 279 13.06 -24.96 -3.74
C ARG F 279 14.35 -25.61 -4.21
#